data_2PQ5
#
_entry.id   2PQ5
#
_cell.length_a   73.821
_cell.length_b   73.821
_cell.length_c   303.803
_cell.angle_alpha   90.00
_cell.angle_beta   90.00
_cell.angle_gamma   120.00
#
_symmetry.space_group_name_H-M   'P 31 2 1'
#
loop_
_entity.id
_entity.type
_entity.pdbx_description
1 polymer 'Dual specificity protein phosphatase 13'
2 water water
#
_entity_poly.entity_id   1
_entity_poly.type   'polypeptide(L)'
_entity_poly.pdbx_seq_one_letter_code
;MDSLQKQDLRRPKIHGAVQASPYQPPTLASLQRLLWVRQAATLNHIDEVWPSLFLGDAYAARDKSKLIQLGITHVVNAAA
GKFQVDTGAKFYRGMSLEYYGIEADDNPFFDLSVYFLPVARYIRAALSVPQGRVLVHCAMGVSRSATLVLAFLMIYENMT
LVEAIQTVQAHRNICPNSGFLRQLQVLDNRLGRETGRFAHHHHHH
;
_entity_poly.pdbx_strand_id   A,B,C,D
#
# COMPACT_ATOMS: atom_id res chain seq x y z
N PRO A 25 24.42 8.92 -30.94
CA PRO A 25 23.12 9.05 -30.24
C PRO A 25 22.27 7.80 -30.41
N PRO A 26 22.20 6.95 -29.40
CA PRO A 26 21.46 5.69 -29.53
C PRO A 26 19.96 5.87 -29.42
N THR A 27 19.24 4.92 -30.02
CA THR A 27 17.80 4.83 -29.84
C THR A 27 17.48 3.96 -28.63
N LEU A 28 16.20 3.94 -28.22
CA LEU A 28 15.84 3.06 -27.10
C LEU A 28 16.11 1.60 -27.48
N ALA A 29 15.51 1.19 -28.57
CA ALA A 29 15.66 -0.13 -29.15
C ALA A 29 17.10 -0.64 -29.11
N SER A 30 18.05 0.26 -29.41
CA SER A 30 19.44 -0.18 -29.46
C SER A 30 19.93 -0.56 -28.06
N LEU A 31 19.41 0.13 -27.06
CA LEU A 31 19.84 -0.06 -25.68
C LEU A 31 19.23 -1.33 -25.10
N GLN A 32 17.96 -1.56 -25.41
CA GLN A 32 17.21 -2.72 -24.97
C GLN A 32 17.75 -4.00 -25.60
N ARG A 33 17.98 -3.95 -26.91
CA ARG A 33 18.73 -4.95 -27.66
C ARG A 33 20.02 -5.29 -26.92
N LEU A 34 20.79 -4.26 -26.58
CA LEU A 34 22.02 -4.41 -25.82
C LEU A 34 21.75 -5.08 -24.48
N LEU A 35 20.71 -4.59 -23.79
CA LEU A 35 20.30 -5.11 -22.50
C LEU A 35 19.87 -6.58 -22.58
N TRP A 36 19.38 -6.95 -23.75
CA TRP A 36 19.07 -8.33 -24.06
C TRP A 36 20.35 -9.08 -24.49
N VAL A 37 21.01 -8.55 -25.50
CA VAL A 37 22.12 -9.22 -26.16
C VAL A 37 23.15 -9.74 -25.17
N ARG A 38 23.35 -9.01 -24.07
CA ARG A 38 24.31 -9.51 -23.07
C ARG A 38 23.61 -9.78 -21.75
N GLN A 39 23.27 -11.05 -21.57
CA GLN A 39 22.67 -11.56 -20.34
C GLN A 39 23.02 -13.04 -20.14
N ALA A 40 23.69 -13.31 -19.04
CA ALA A 40 24.02 -14.63 -18.54
C ALA A 40 22.73 -15.42 -18.24
N ALA A 41 22.94 -16.69 -17.96
CA ALA A 41 21.88 -17.65 -17.70
C ALA A 41 21.17 -17.40 -16.38
N THR A 42 21.93 -17.02 -15.36
CA THR A 42 21.39 -16.82 -14.04
C THR A 42 21.78 -15.46 -13.46
N LEU A 43 21.06 -15.12 -12.39
CA LEU A 43 21.32 -13.86 -11.67
C LEU A 43 21.55 -14.17 -10.20
N ASN A 44 22.59 -13.60 -9.66
CA ASN A 44 22.98 -13.74 -8.28
C ASN A 44 22.27 -12.65 -7.45
N HIS A 45 22.42 -12.73 -6.13
CA HIS A 45 21.75 -11.80 -5.24
C HIS A 45 22.51 -10.48 -5.17
N ILE A 46 23.83 -10.57 -5.23
CA ILE A 46 24.63 -9.36 -5.26
C ILE A 46 25.74 -9.49 -6.31
N ASP A 47 26.22 -8.33 -6.76
CA ASP A 47 27.31 -8.28 -7.72
C ASP A 47 28.09 -6.98 -7.64
N GLU A 48 29.40 -7.11 -7.41
CA GLU A 48 30.36 -6.05 -7.64
C GLU A 48 30.35 -5.70 -9.13
N VAL A 49 29.86 -4.50 -9.43
CA VAL A 49 29.68 -4.10 -10.83
C VAL A 49 30.71 -3.08 -11.27
N TRP A 50 31.48 -2.64 -10.30
CA TRP A 50 32.51 -1.62 -10.34
C TRP A 50 33.20 -1.67 -8.98
N PRO A 51 34.51 -1.46 -8.97
CA PRO A 51 35.31 -1.48 -7.74
C PRO A 51 34.66 -0.84 -6.53
N SER A 52 34.32 -1.68 -5.56
CA SER A 52 33.74 -1.27 -4.29
C SER A 52 32.28 -0.86 -4.46
N LEU A 53 31.68 -1.29 -5.57
CA LEU A 53 30.32 -0.88 -5.88
C LEU A 53 29.49 -2.09 -6.28
N PHE A 54 28.52 -2.43 -5.44
CA PHE A 54 27.72 -3.64 -5.64
C PHE A 54 26.26 -3.34 -5.99
N LEU A 55 25.76 -4.12 -6.93
CA LEU A 55 24.34 -4.15 -7.26
C LEU A 55 23.73 -5.42 -6.66
N GLY A 56 22.74 -5.25 -5.79
CA GLY A 56 22.14 -6.37 -5.08
C GLY A 56 20.62 -6.39 -5.08
N ASP A 57 20.04 -7.48 -4.59
CA ASP A 57 18.59 -7.61 -4.48
C ASP A 57 18.16 -7.48 -3.01
N ALA A 58 16.87 -7.61 -2.74
CA ALA A 58 16.42 -7.40 -1.35
C ALA A 58 16.87 -8.55 -0.45
N TYR A 59 17.02 -9.75 -1.03
CA TYR A 59 17.62 -10.88 -0.35
C TYR A 59 19.02 -10.54 0.19
N ALA A 60 19.88 -10.14 -0.74
CA ALA A 60 21.22 -9.69 -0.39
C ALA A 60 21.14 -8.53 0.59
N ALA A 61 20.10 -7.71 0.43
CA ALA A 61 19.80 -6.57 1.26
C ALA A 61 19.70 -6.90 2.74
N ARG A 62 19.11 -8.07 3.00
CA ARG A 62 18.87 -8.49 4.38
C ARG A 62 19.85 -9.57 4.82
N ASP A 63 20.73 -9.97 3.91
CA ASP A 63 21.83 -10.89 4.13
C ASP A 63 22.96 -10.21 4.91
N LYS A 64 22.64 -9.74 6.10
CA LYS A 64 23.49 -9.13 7.08
C LYS A 64 24.89 -9.73 7.08
N SER A 65 24.98 -11.05 6.97
CA SER A 65 26.27 -11.73 7.02
C SER A 65 27.13 -11.43 5.80
N LYS A 66 26.59 -11.65 4.59
CA LYS A 66 27.43 -11.42 3.42
C LYS A 66 27.85 -9.95 3.37
N LEU A 67 26.94 -9.11 3.82
CA LEU A 67 27.19 -7.70 3.99
C LEU A 67 28.50 -7.53 4.76
N ILE A 68 28.59 -8.26 5.86
CA ILE A 68 29.75 -8.22 6.73
C ILE A 68 31.00 -8.65 5.95
N GLN A 69 30.91 -9.83 5.35
CA GLN A 69 31.90 -10.39 4.46
C GLN A 69 32.52 -9.31 3.56
N LEU A 70 31.64 -8.73 2.76
CA LEU A 70 31.98 -7.80 1.69
C LEU A 70 32.54 -6.49 2.25
N GLY A 71 32.27 -6.21 3.52
CA GLY A 71 32.71 -4.99 4.15
C GLY A 71 31.96 -3.76 3.69
N ILE A 72 30.68 -3.94 3.36
CA ILE A 72 29.84 -2.85 2.89
C ILE A 72 29.73 -1.77 3.96
N THR A 73 29.87 -0.51 3.57
CA THR A 73 29.82 0.63 4.48
C THR A 73 28.57 1.49 4.30
N HIS A 74 27.92 1.29 3.17
CA HIS A 74 26.80 2.07 2.70
C HIS A 74 25.84 1.18 1.93
N VAL A 75 24.58 1.30 2.31
CA VAL A 75 23.57 0.56 1.56
C VAL A 75 22.62 1.57 0.92
N VAL A 76 22.43 1.42 -0.38
CA VAL A 76 21.46 2.26 -1.08
C VAL A 76 20.24 1.40 -1.40
N ASN A 77 19.19 1.66 -0.62
CA ASN A 77 17.91 1.00 -0.84
C ASN A 77 17.08 1.85 -1.80
N ALA A 78 17.02 1.41 -3.05
CA ALA A 78 16.26 2.14 -4.05
C ALA A 78 14.83 1.62 -4.11
N ALA A 79 14.55 0.59 -3.32
CA ALA A 79 13.22 0.03 -3.14
C ALA A 79 12.71 0.31 -1.72
N ALA A 80 13.10 1.49 -1.21
CA ALA A 80 12.82 1.77 0.19
C ALA A 80 11.35 2.15 0.36
N GLY A 81 10.84 1.87 1.56
CA GLY A 81 9.46 2.17 1.90
C GLY A 81 8.77 1.00 2.58
N LYS A 82 7.89 1.30 3.52
CA LYS A 82 7.08 0.31 4.23
C LYS A 82 6.36 -0.61 3.26
N PHE A 83 5.92 -0.05 2.13
CA PHE A 83 5.24 -0.83 1.12
C PHE A 83 6.19 -1.60 0.21
N GLN A 84 7.49 -1.45 0.45
CA GLN A 84 8.46 -2.14 -0.42
C GLN A 84 9.51 -2.83 0.42
N VAL A 85 10.80 -2.73 0.12
CA VAL A 85 11.81 -3.41 0.93
C VAL A 85 12.08 -2.57 2.17
N ASP A 86 11.27 -2.80 3.19
CA ASP A 86 11.29 -2.03 4.42
C ASP A 86 12.43 -2.46 5.35
N THR A 87 13.66 -2.17 4.93
CA THR A 87 14.81 -2.49 5.76
C THR A 87 15.14 -1.30 6.65
N GLY A 88 15.38 -0.13 6.08
CA GLY A 88 15.68 1.07 6.82
C GLY A 88 16.95 1.02 7.63
N ALA A 89 17.22 2.13 8.30
CA ALA A 89 18.34 2.33 9.20
C ALA A 89 18.32 1.38 10.38
N LYS A 90 17.12 1.05 10.85
CA LYS A 90 16.91 0.20 12.02
C LYS A 90 17.33 -1.23 11.77
N PHE A 91 17.07 -1.73 10.57
CA PHE A 91 17.43 -3.11 10.26
C PHE A 91 18.92 -3.35 10.43
N TYR A 92 19.71 -2.29 10.29
CA TYR A 92 21.16 -2.47 10.35
C TYR A 92 21.75 -2.11 11.71
N ARG A 93 20.84 -1.98 12.67
CA ARG A 93 21.16 -1.62 14.04
C ARG A 93 22.31 -2.48 14.55
N GLY A 94 23.28 -1.81 15.18
CA GLY A 94 24.48 -2.46 15.66
C GLY A 94 25.56 -2.54 14.59
N MET A 95 25.15 -2.76 13.34
CA MET A 95 26.04 -2.86 12.20
C MET A 95 26.74 -1.53 11.93
N SER A 96 28.01 -1.59 11.55
CA SER A 96 28.73 -0.33 11.29
C SER A 96 28.63 0.03 9.81
N LEU A 97 27.48 0.59 9.44
CA LEU A 97 27.19 0.96 8.06
C LEU A 97 26.15 2.07 7.98
N GLU A 98 26.25 2.86 6.92
CA GLU A 98 25.33 3.96 6.66
C GLU A 98 24.32 3.58 5.60
N TYR A 99 23.17 4.25 5.64
CA TYR A 99 22.00 3.86 4.85
C TYR A 99 21.42 5.01 4.06
N TYR A 100 20.97 4.72 2.84
CA TYR A 100 20.23 5.71 2.05
C TYR A 100 18.97 5.06 1.51
N GLY A 101 17.82 5.65 1.83
CA GLY A 101 16.55 5.09 1.39
C GLY A 101 15.86 5.91 0.33
N ILE A 102 15.49 5.27 -0.78
CA ILE A 102 14.88 5.99 -1.90
C ILE A 102 13.56 5.32 -2.27
N GLU A 103 12.50 6.08 -2.01
CA GLU A 103 11.17 5.47 -2.09
C GLU A 103 10.63 5.55 -3.50
N ALA A 104 11.11 4.62 -4.31
CA ALA A 104 10.84 4.60 -5.73
C ALA A 104 10.10 3.34 -6.15
N ASP A 105 9.28 3.47 -7.18
CA ASP A 105 8.60 2.38 -7.84
C ASP A 105 9.28 2.01 -9.15
N ASP A 106 9.25 0.72 -9.48
CA ASP A 106 9.75 0.31 -10.78
C ASP A 106 8.64 0.50 -11.82
N ASN A 107 8.23 1.76 -11.96
CA ASN A 107 7.25 2.06 -13.00
C ASN A 107 7.86 3.03 -14.03
N PRO A 108 7.61 2.78 -15.31
CA PRO A 108 8.13 3.68 -16.36
C PRO A 108 7.77 5.13 -16.14
N PHE A 109 6.68 5.40 -15.41
CA PHE A 109 6.23 6.78 -15.21
C PHE A 109 6.76 7.34 -13.90
N PHE A 110 7.58 6.55 -13.22
CA PHE A 110 8.18 7.05 -11.98
C PHE A 110 9.47 7.79 -12.31
N ASP A 111 9.60 9.02 -11.82
CA ASP A 111 10.77 9.83 -12.08
C ASP A 111 11.91 9.52 -11.13
N LEU A 112 12.69 8.53 -11.52
CA LEU A 112 13.90 8.18 -10.83
C LEU A 112 15.03 9.21 -10.99
N SER A 113 14.98 9.93 -12.10
CA SER A 113 16.01 10.86 -12.51
C SER A 113 16.20 12.00 -11.53
N VAL A 114 15.18 12.30 -10.73
CA VAL A 114 15.30 13.34 -9.72
C VAL A 114 16.24 12.90 -8.61
N TYR A 115 16.49 11.59 -8.57
CA TYR A 115 17.44 11.01 -7.63
C TYR A 115 18.84 10.85 -8.21
N PHE A 116 18.92 10.98 -9.53
CA PHE A 116 20.16 10.70 -10.27
C PHE A 116 21.33 11.47 -9.70
N LEU A 117 21.29 12.80 -9.64
CA LEU A 117 22.51 13.45 -9.15
C LEU A 117 22.78 13.16 -7.67
N PRO A 118 21.87 13.40 -6.74
CA PRO A 118 22.20 13.23 -5.33
C PRO A 118 22.77 11.86 -4.99
N VAL A 119 22.24 10.83 -5.64
CA VAL A 119 22.73 9.48 -5.39
C VAL A 119 24.14 9.30 -5.96
N ALA A 120 24.40 9.96 -7.09
CA ALA A 120 25.73 9.88 -7.69
C ALA A 120 26.76 10.44 -6.70
N ARG A 121 26.33 11.51 -6.05
CA ARG A 121 27.11 12.22 -5.06
C ARG A 121 27.29 11.41 -3.78
N TYR A 122 26.21 10.76 -3.36
CA TYR A 122 26.25 9.89 -2.18
C TYR A 122 27.24 8.76 -2.40
N ILE A 123 27.03 8.03 -3.49
CA ILE A 123 27.89 6.93 -3.86
C ILE A 123 29.34 7.37 -4.07
N ARG A 124 29.53 8.59 -4.54
CA ARG A 124 30.87 9.10 -4.80
C ARG A 124 31.66 9.32 -3.52
N ALA A 125 31.06 10.02 -2.57
CA ALA A 125 31.73 10.38 -1.33
C ALA A 125 32.04 9.13 -0.51
N ALA A 126 31.20 8.13 -0.68
CA ALA A 126 31.41 6.83 -0.07
C ALA A 126 32.67 6.18 -0.63
N LEU A 127 32.68 5.96 -1.94
CA LEU A 127 33.79 5.21 -2.54
C LEU A 127 35.12 5.94 -2.32
N SER A 128 35.02 7.25 -2.14
CA SER A 128 36.07 8.16 -1.75
C SER A 128 36.59 7.82 -0.34
N VAL A 129 35.81 7.03 0.39
CA VAL A 129 36.31 6.48 1.64
C VAL A 129 37.10 5.22 1.32
N PRO A 130 38.32 5.15 1.83
CA PRO A 130 39.18 3.96 1.72
C PRO A 130 38.40 2.68 1.88
N GLN A 131 37.68 2.52 2.99
CA GLN A 131 36.88 1.31 3.17
C GLN A 131 35.62 1.33 2.29
N GLY A 132 35.36 2.48 1.68
CA GLY A 132 34.16 2.72 0.93
C GLY A 132 33.79 1.59 -0.01
N ARG A 133 32.79 0.82 0.39
CA ARG A 133 32.18 -0.24 -0.39
C ARG A 133 30.66 -0.08 -0.29
N VAL A 134 30.04 0.24 -1.43
CA VAL A 134 28.64 0.60 -1.51
C VAL A 134 27.77 -0.51 -2.07
N LEU A 135 26.65 -0.79 -1.40
CA LEU A 135 25.66 -1.67 -2.02
C LEU A 135 24.46 -0.86 -2.51
N VAL A 136 24.12 -1.06 -3.78
CA VAL A 136 22.89 -0.44 -4.27
C VAL A 136 21.93 -1.56 -4.66
N HIS A 137 20.81 -1.61 -3.94
CA HIS A 137 19.87 -2.68 -4.23
C HIS A 137 18.46 -2.13 -4.42
N CYS A 138 17.62 -2.98 -4.99
CA CYS A 138 16.19 -2.68 -5.07
C CYS A 138 15.51 -3.99 -4.72
N ALA A 139 14.54 -4.48 -5.49
CA ALA A 139 14.03 -5.81 -5.10
C ALA A 139 14.84 -6.90 -5.77
N MET A 140 15.13 -6.72 -7.05
CA MET A 140 15.83 -7.77 -7.82
C MET A 140 17.14 -7.31 -8.42
N GLY A 141 17.52 -6.07 -8.18
CA GLY A 141 18.78 -5.48 -8.49
C GLY A 141 19.11 -5.29 -9.95
N VAL A 142 18.11 -5.28 -10.81
CA VAL A 142 18.30 -5.23 -12.25
C VAL A 142 17.79 -3.96 -12.93
N SER A 143 16.92 -3.18 -12.30
CA SER A 143 16.27 -2.06 -12.96
C SER A 143 16.44 -0.73 -12.24
N ARG A 144 15.71 -0.56 -11.15
CA ARG A 144 15.69 0.63 -10.32
C ARG A 144 17.04 1.02 -9.76
N SER A 145 17.75 0.01 -9.24
CA SER A 145 19.05 0.24 -8.63
C SER A 145 20.14 0.22 -9.69
N ALA A 146 19.96 -0.61 -10.70
CA ALA A 146 20.76 -0.68 -11.92
C ALA A 146 20.93 0.70 -12.55
N THR A 147 19.79 1.36 -12.71
CA THR A 147 19.63 2.67 -13.28
C THR A 147 20.38 3.72 -12.49
N LEU A 148 20.27 3.64 -11.17
CA LEU A 148 20.91 4.65 -10.33
C LEU A 148 22.43 4.48 -10.37
N VAL A 149 22.85 3.22 -10.56
CA VAL A 149 24.26 2.89 -10.70
C VAL A 149 24.77 3.39 -12.04
N LEU A 150 23.98 3.18 -13.07
CA LEU A 150 24.34 3.69 -14.39
C LEU A 150 24.64 5.17 -14.34
N ALA A 151 23.64 5.94 -13.93
CA ALA A 151 23.75 7.39 -13.87
C ALA A 151 25.02 7.84 -13.16
N PHE A 152 25.39 7.13 -12.11
CA PHE A 152 26.57 7.44 -11.32
C PHE A 152 27.85 7.32 -12.14
N LEU A 153 27.90 6.24 -12.91
CA LEU A 153 29.04 5.99 -13.79
C LEU A 153 29.14 7.07 -14.88
N MET A 154 28.03 7.33 -15.56
CA MET A 154 27.97 8.41 -16.53
C MET A 154 28.39 9.71 -15.86
N ILE A 155 27.73 10.01 -14.74
CA ILE A 155 27.98 11.29 -14.07
C ILE A 155 29.37 11.38 -13.46
N TYR A 156 29.89 10.30 -12.83
CA TYR A 156 31.18 10.47 -12.16
C TYR A 156 32.31 9.61 -12.69
N GLU A 157 32.05 8.68 -13.59
CA GLU A 157 33.15 7.88 -14.13
C GLU A 157 33.46 8.24 -15.58
N ASN A 158 32.90 9.38 -15.98
CA ASN A 158 32.99 9.88 -17.34
C ASN A 158 32.39 8.93 -18.37
N MET A 159 31.51 8.01 -17.99
CA MET A 159 30.97 7.08 -18.96
C MET A 159 29.80 7.66 -19.74
N THR A 160 29.40 6.92 -20.75
CA THR A 160 28.19 7.18 -21.50
C THR A 160 27.19 6.09 -21.12
N LEU A 161 25.97 6.14 -21.63
CA LEU A 161 24.96 5.16 -21.27
C LEU A 161 25.35 3.77 -21.77
N VAL A 162 25.78 3.70 -23.02
CA VAL A 162 26.15 2.40 -23.59
C VAL A 162 27.36 1.81 -22.84
N GLU A 163 28.38 2.61 -22.62
CA GLU A 163 29.58 2.27 -21.86
C GLU A 163 29.24 1.85 -20.43
N ALA A 164 28.31 2.59 -19.85
CA ALA A 164 27.80 2.33 -18.52
C ALA A 164 27.25 0.91 -18.47
N ILE A 165 26.30 0.68 -19.35
CA ILE A 165 25.65 -0.61 -19.53
C ILE A 165 26.68 -1.67 -19.83
N GLN A 166 27.56 -1.45 -20.82
CA GLN A 166 28.48 -2.53 -21.13
C GLN A 166 29.38 -2.86 -19.93
N THR A 167 29.79 -1.82 -19.23
CA THR A 167 30.57 -1.95 -18.01
C THR A 167 29.81 -2.75 -16.96
N VAL A 168 28.65 -2.21 -16.56
CA VAL A 168 27.84 -2.82 -15.52
C VAL A 168 27.42 -4.23 -15.93
N GLN A 169 27.07 -4.35 -17.20
CA GLN A 169 26.44 -5.60 -17.65
C GLN A 169 27.46 -6.71 -17.80
N ALA A 170 28.72 -6.42 -17.50
CA ALA A 170 29.79 -7.41 -17.57
C ALA A 170 29.79 -8.32 -16.36
N HIS A 171 29.10 -7.89 -15.30
CA HIS A 171 29.01 -8.70 -14.10
C HIS A 171 27.60 -8.98 -13.61
N ARG A 172 26.57 -8.34 -14.14
CA ARG A 172 25.22 -8.56 -13.62
C ARG A 172 24.16 -8.23 -14.65
N ASN A 173 23.31 -9.20 -14.96
CA ASN A 173 22.20 -8.93 -15.87
C ASN A 173 21.37 -7.77 -15.29
N ILE A 174 21.09 -6.82 -16.16
CA ILE A 174 20.34 -5.64 -15.74
C ILE A 174 19.31 -5.30 -16.80
N CYS A 175 18.35 -4.46 -16.44
CA CYS A 175 17.39 -4.09 -17.48
C CYS A 175 16.46 -3.00 -16.98
N PRO A 176 16.96 -1.77 -16.96
CA PRO A 176 16.16 -0.65 -16.46
C PRO A 176 14.88 -0.55 -17.27
N ASN A 177 13.76 -0.13 -16.65
CA ASN A 177 12.56 -0.18 -17.49
C ASN A 177 12.63 0.94 -18.52
N SER A 178 11.79 0.83 -19.54
CA SER A 178 11.77 1.72 -20.69
C SER A 178 11.86 3.19 -20.27
N GLY A 179 11.06 3.52 -19.26
CA GLY A 179 11.00 4.88 -18.79
C GLY A 179 12.26 5.26 -18.03
N PHE A 180 12.92 4.26 -17.44
CA PHE A 180 14.17 4.51 -16.74
C PHE A 180 15.29 4.67 -17.77
N LEU A 181 15.19 3.92 -18.85
CA LEU A 181 16.05 4.05 -20.01
C LEU A 181 15.91 5.42 -20.65
N ARG A 182 14.65 5.82 -20.85
CA ARG A 182 14.37 7.14 -21.41
C ARG A 182 14.98 8.24 -20.54
N GLN A 183 15.12 7.97 -19.26
CA GLN A 183 15.57 8.87 -18.22
C GLN A 183 17.08 9.09 -18.27
N LEU A 184 17.73 8.01 -18.60
CA LEU A 184 19.15 7.82 -18.78
C LEU A 184 19.60 8.46 -20.10
N GLN A 185 18.88 8.18 -21.19
CA GLN A 185 19.14 8.84 -22.46
C GLN A 185 19.22 10.35 -22.26
N VAL A 186 18.20 10.86 -21.58
CA VAL A 186 18.17 12.30 -21.34
C VAL A 186 19.43 12.74 -20.61
N LEU A 187 19.87 11.87 -19.71
CA LEU A 187 21.05 12.21 -18.89
C LEU A 187 22.29 12.11 -19.77
N ASP A 188 22.32 11.08 -20.59
CA ASP A 188 23.40 10.89 -21.53
C ASP A 188 23.64 12.15 -22.36
N ASN A 189 22.50 12.72 -22.69
CA ASN A 189 22.24 13.85 -23.55
C ASN A 189 22.67 15.15 -22.91
N ARG A 190 22.27 15.34 -21.66
CA ARG A 190 22.71 16.55 -20.97
C ARG A 190 24.23 16.51 -20.84
N LEU A 191 24.74 15.29 -20.67
CA LEU A 191 26.18 15.14 -20.50
C LEU A 191 26.90 15.23 -21.83
N GLY A 192 26.24 14.83 -22.93
CA GLY A 192 26.86 14.93 -24.23
C GLY A 192 27.29 16.38 -24.46
N ARG A 193 26.47 17.29 -23.97
CA ARG A 193 26.68 18.72 -24.08
C ARG A 193 27.30 19.31 -22.82
N PRO B 25 -36.09 -7.17 18.75
CA PRO B 25 -34.80 -6.73 18.19
C PRO B 25 -34.95 -5.45 17.37
N PRO B 26 -34.33 -4.35 17.79
CA PRO B 26 -34.47 -3.09 17.06
C PRO B 26 -33.89 -3.17 15.65
N THR B 27 -34.38 -2.29 14.79
CA THR B 27 -33.95 -2.33 13.39
C THR B 27 -32.68 -1.52 13.17
N LEU B 28 -32.01 -1.82 12.06
CA LEU B 28 -30.79 -1.10 11.72
C LEU B 28 -31.08 0.40 11.69
N ALA B 29 -32.03 0.79 10.84
CA ALA B 29 -32.40 2.18 10.67
C ALA B 29 -32.63 2.87 12.00
N SER B 30 -33.29 2.12 12.90
CA SER B 30 -33.55 2.67 14.23
C SER B 30 -32.22 2.96 14.91
N LEU B 31 -31.30 2.03 14.72
CA LEU B 31 -29.95 2.14 15.27
C LEU B 31 -29.17 3.26 14.58
N GLN B 32 -29.36 3.41 13.28
CA GLN B 32 -28.63 4.44 12.54
C GLN B 32 -29.15 5.83 12.91
N ARG B 33 -30.46 5.97 12.89
CA ARG B 33 -31.18 7.15 13.34
C ARG B 33 -30.55 7.73 14.61
N LEU B 34 -30.45 6.87 15.61
CA LEU B 34 -29.83 7.15 16.89
C LEU B 34 -28.40 7.64 16.70
N LEU B 35 -27.76 6.98 15.75
CA LEU B 35 -26.38 7.21 15.37
C LEU B 35 -26.20 8.54 14.65
N TRP B 36 -26.91 8.72 13.55
CA TRP B 36 -26.73 9.94 12.75
C TRP B 36 -27.41 11.12 13.43
N VAL B 37 -28.71 10.97 13.64
CA VAL B 37 -29.55 12.05 14.12
C VAL B 37 -28.97 12.70 15.37
N ARG B 38 -28.31 11.88 16.19
CA ARG B 38 -27.69 12.35 17.42
C ARG B 38 -26.18 12.50 17.30
N GLN B 39 -25.68 13.73 17.19
CA GLN B 39 -24.25 13.98 17.19
C GLN B 39 -23.93 15.43 17.56
N ALA B 40 -22.91 15.58 18.39
CA ALA B 40 -22.40 16.89 18.74
C ALA B 40 -21.76 17.53 17.52
N ALA B 41 -21.29 18.76 17.72
CA ALA B 41 -20.71 19.57 16.66
C ALA B 41 -19.29 19.12 16.32
N THR B 42 -18.51 18.90 17.37
CA THR B 42 -17.10 18.59 17.21
C THR B 42 -16.74 17.24 17.82
N LEU B 43 -15.51 16.89 17.51
CA LEU B 43 -14.89 15.62 17.85
C LEU B 43 -13.52 15.89 18.47
N ASN B 44 -13.31 15.22 19.59
CA ASN B 44 -12.08 15.35 20.37
C ASN B 44 -11.22 14.14 20.06
N HIS B 45 -10.00 14.13 20.60
CA HIS B 45 -9.04 13.08 20.28
C HIS B 45 -9.26 11.88 21.19
N ILE B 46 -9.65 12.19 22.42
CA ILE B 46 -9.97 11.13 23.36
C ILE B 46 -11.25 11.50 24.12
N ASP B 47 -12.05 10.49 24.43
CA ASP B 47 -13.28 10.72 25.17
C ASP B 47 -13.55 9.58 26.15
N GLU B 48 -13.68 9.92 27.42
CA GLU B 48 -14.10 8.95 28.43
C GLU B 48 -15.61 8.72 28.28
N VAL B 49 -15.96 7.55 27.75
CA VAL B 49 -17.38 7.33 27.42
C VAL B 49 -18.06 6.48 28.47
N TRP B 50 -17.23 5.98 29.37
CA TRP B 50 -17.55 5.11 30.49
C TRP B 50 -16.38 5.19 31.47
N PRO B 51 -16.68 5.21 32.75
CA PRO B 51 -15.67 5.40 33.80
C PRO B 51 -14.37 4.64 33.57
N SER B 52 -13.31 5.40 33.38
CA SER B 52 -11.98 4.84 33.15
C SER B 52 -11.90 4.15 31.79
N LEU B 53 -12.88 4.45 30.94
CA LEU B 53 -12.93 3.85 29.62
C LEU B 53 -12.98 4.96 28.56
N PHE B 54 -11.89 5.04 27.81
CA PHE B 54 -11.73 6.08 26.80
C PHE B 54 -11.79 5.53 25.37
N LEU B 55 -12.45 6.34 24.54
CA LEU B 55 -12.36 6.16 23.11
C LEU B 55 -11.56 7.34 22.56
N GLY B 56 -10.49 7.03 21.84
CA GLY B 56 -9.68 8.02 21.17
C GLY B 56 -9.33 7.69 19.74
N ASP B 57 -8.52 8.55 19.13
CA ASP B 57 -8.04 8.34 17.76
C ASP B 57 -6.55 8.04 17.76
N ALA B 58 -5.96 7.91 16.58
CA ALA B 58 -4.54 7.58 16.46
C ALA B 58 -3.63 8.70 16.96
N TYR B 59 -4.10 9.93 16.95
CA TYR B 59 -3.38 11.06 17.54
C TYR B 59 -3.26 10.89 19.05
N ALA B 60 -4.40 10.71 19.71
CA ALA B 60 -4.53 10.51 21.13
C ALA B 60 -3.57 9.45 21.66
N ALA B 61 -3.50 8.33 20.98
CA ALA B 61 -2.66 7.18 21.19
C ALA B 61 -1.18 7.47 21.24
N ARG B 62 -0.76 8.48 20.49
CA ARG B 62 0.67 8.78 20.45
C ARG B 62 1.02 9.85 21.49
N ASP B 63 -0.01 10.48 22.04
CA ASP B 63 0.06 11.51 23.05
C ASP B 63 0.44 10.98 24.42
N LYS B 64 1.67 10.47 24.47
CA LYS B 64 2.28 9.92 25.67
C LYS B 64 2.03 10.82 26.87
N SER B 65 2.13 12.12 26.63
CA SER B 65 1.83 13.14 27.61
C SER B 65 0.40 13.05 28.14
N LYS B 66 -0.54 12.88 27.21
CA LYS B 66 -1.95 12.84 27.59
C LYS B 66 -2.24 11.53 28.32
N LEU B 67 -1.74 10.42 27.76
CA LEU B 67 -1.96 9.14 28.43
C LEU B 67 -1.36 9.25 29.82
N ILE B 68 -0.12 9.72 29.84
CA ILE B 68 0.58 10.06 31.08
C ILE B 68 -0.31 10.91 31.99
N GLN B 69 -0.89 11.95 31.41
CA GLN B 69 -1.87 12.77 32.10
C GLN B 69 -2.94 11.88 32.75
N LEU B 70 -3.67 11.16 31.90
CA LEU B 70 -4.85 10.42 32.24
C LEU B 70 -4.59 9.22 33.14
N GLY B 71 -3.37 8.71 33.16
CA GLY B 71 -3.04 7.54 33.96
C GLY B 71 -3.48 6.25 33.32
N ILE B 72 -3.73 6.26 32.02
CA ILE B 72 -4.08 5.06 31.26
C ILE B 72 -3.08 3.95 31.54
N THR B 73 -3.55 2.72 31.67
CA THR B 73 -2.72 1.56 31.95
C THR B 73 -2.75 0.51 30.86
N HIS B 74 -3.70 0.63 29.94
CA HIS B 74 -4.05 -0.34 28.94
C HIS B 74 -4.47 0.36 27.65
N VAL B 75 -3.74 0.01 26.59
CA VAL B 75 -4.13 0.56 25.29
C VAL B 75 -4.47 -0.61 24.38
N VAL B 76 -5.67 -0.55 23.81
CA VAL B 76 -6.14 -1.54 22.85
C VAL B 76 -6.15 -0.90 21.48
N ASN B 77 -5.31 -1.40 20.57
CA ASN B 77 -5.30 -0.84 19.22
C ASN B 77 -6.14 -1.70 18.29
N ALA B 78 -7.30 -1.18 17.89
CA ALA B 78 -8.12 -1.96 16.97
C ALA B 78 -7.77 -1.68 15.51
N ALA B 79 -6.77 -0.86 15.29
CA ALA B 79 -6.28 -0.49 13.96
C ALA B 79 -4.78 -0.78 13.88
N ALA B 80 -4.40 -1.93 14.40
CA ALA B 80 -3.02 -2.34 14.46
C ALA B 80 -2.52 -2.82 13.09
N GLY B 81 -1.19 -2.84 12.96
CA GLY B 81 -0.52 -3.15 11.72
C GLY B 81 0.53 -2.09 11.38
N LYS B 82 1.49 -2.52 10.59
CA LYS B 82 2.53 -1.70 9.98
C LYS B 82 1.89 -0.65 9.06
N PHE B 83 0.91 -1.08 8.30
CA PHE B 83 0.23 -0.26 7.33
C PHE B 83 -0.97 0.50 7.91
N GLN B 84 -1.18 0.35 9.21
CA GLN B 84 -2.24 1.07 9.91
C GLN B 84 -1.60 1.92 10.99
N VAL B 85 -2.13 1.97 12.20
CA VAL B 85 -1.48 2.70 13.29
C VAL B 85 -0.40 1.82 13.90
N ASP B 86 0.76 1.83 13.28
CA ASP B 86 1.93 1.07 13.66
C ASP B 86 2.54 1.57 14.97
N THR B 87 1.82 1.42 16.06
CA THR B 87 2.35 1.85 17.36
C THR B 87 2.99 0.68 18.09
N GLY B 88 2.23 -0.37 18.41
CA GLY B 88 2.76 -1.51 19.13
C GLY B 88 3.21 -1.18 20.54
N ALA B 89 3.64 -2.19 21.28
CA ALA B 89 4.12 -2.02 22.65
C ALA B 89 5.47 -1.32 22.66
N LYS B 90 6.20 -1.52 21.57
CA LYS B 90 7.48 -0.89 21.27
C LYS B 90 7.35 0.64 21.34
N PHE B 91 6.24 1.17 20.84
CA PHE B 91 5.98 2.61 20.98
C PHE B 91 5.80 3.00 22.45
N TYR B 92 5.55 2.01 23.31
CA TYR B 92 5.21 2.35 24.69
C TYR B 92 6.30 2.06 25.69
N ARG B 93 7.44 1.56 25.25
CA ARG B 93 8.54 1.26 26.16
C ARG B 93 8.85 2.45 27.07
N GLY B 94 9.11 2.15 28.34
CA GLY B 94 9.41 3.18 29.31
C GLY B 94 8.15 3.64 30.04
N MET B 95 7.01 3.57 29.37
CA MET B 95 5.72 3.83 29.96
C MET B 95 5.21 2.60 30.71
N SER B 96 4.55 2.84 31.84
CA SER B 96 3.94 1.75 32.58
C SER B 96 2.48 1.59 32.14
N LEU B 97 2.31 0.88 31.03
CA LEU B 97 1.00 0.63 30.45
C LEU B 97 1.05 -0.56 29.50
N GLU B 98 -0.07 -1.27 29.42
CA GLU B 98 -0.13 -2.48 28.60
C GLU B 98 -0.75 -2.20 27.24
N TYR B 99 -0.30 -3.00 26.27
CA TYR B 99 -0.74 -2.86 24.89
C TYR B 99 -1.34 -4.15 24.35
N TYR B 100 -2.46 -3.98 23.67
CA TYR B 100 -3.12 -5.05 22.93
C TYR B 100 -3.46 -4.51 21.53
N GLY B 101 -3.02 -5.26 20.52
CA GLY B 101 -3.25 -4.85 19.15
C GLY B 101 -4.16 -5.80 18.39
N ILE B 102 -5.01 -5.21 17.55
CA ILE B 102 -5.90 -5.99 16.70
C ILE B 102 -5.78 -5.50 15.26
N GLU B 103 -5.27 -6.34 14.37
CA GLU B 103 -5.20 -5.94 12.97
C GLU B 103 -6.59 -5.95 12.35
N ALA B 104 -7.30 -4.84 12.56
CA ALA B 104 -8.69 -4.77 12.11
C ALA B 104 -8.87 -3.69 11.04
N ASP B 105 -9.81 -3.95 10.15
CA ASP B 105 -10.23 -3.06 9.09
C ASP B 105 -11.62 -2.49 9.38
N ASP B 106 -11.79 -1.21 9.13
CA ASP B 106 -13.05 -0.51 9.17
C ASP B 106 -13.90 -0.87 7.97
N ASN B 107 -14.17 -2.17 7.85
CA ASN B 107 -14.92 -2.63 6.66
C ASN B 107 -16.15 -3.38 7.12
N PRO B 108 -17.31 -3.11 6.53
CA PRO B 108 -18.55 -3.84 6.85
C PRO B 108 -18.43 -5.35 6.73
N PHE B 109 -17.59 -5.85 5.84
CA PHE B 109 -17.48 -7.29 5.63
C PHE B 109 -16.28 -7.84 6.39
N PHE B 110 -15.80 -6.98 7.29
CA PHE B 110 -14.73 -7.38 8.19
C PHE B 110 -15.34 -7.93 9.49
N ASP B 111 -14.90 -9.12 9.89
CA ASP B 111 -15.47 -9.78 11.06
C ASP B 111 -14.78 -9.36 12.35
N LEU B 112 -15.34 -8.31 12.94
CA LEU B 112 -14.84 -7.85 14.23
C LEU B 112 -15.34 -8.68 15.40
N SER B 113 -16.59 -9.12 15.34
CA SER B 113 -17.28 -9.81 16.43
C SER B 113 -16.44 -10.90 17.09
N VAL B 114 -15.55 -11.51 16.33
CA VAL B 114 -14.65 -12.54 16.85
C VAL B 114 -13.77 -11.98 17.95
N TYR B 115 -13.59 -10.66 17.97
CA TYR B 115 -12.77 -9.99 18.97
C TYR B 115 -13.59 -9.50 20.14
N PHE B 116 -14.89 -9.41 19.90
CA PHE B 116 -15.87 -8.90 20.83
C PHE B 116 -15.66 -9.44 22.23
N LEU B 117 -15.47 -10.76 22.30
CA LEU B 117 -15.43 -11.38 23.63
C LEU B 117 -14.06 -11.26 24.26
N PRO B 118 -12.98 -11.68 23.65
CA PRO B 118 -11.67 -11.57 24.30
C PRO B 118 -11.29 -10.15 24.71
N VAL B 119 -11.77 -9.16 23.98
CA VAL B 119 -11.45 -7.76 24.28
C VAL B 119 -12.34 -7.26 25.41
N ALA B 120 -13.56 -7.77 25.47
CA ALA B 120 -14.45 -7.49 26.59
C ALA B 120 -13.83 -8.03 27.88
N ARG B 121 -13.21 -9.19 27.73
CA ARG B 121 -12.53 -9.85 28.82
C ARG B 121 -11.32 -9.01 29.26
N TYR B 122 -10.50 -8.62 28.29
CA TYR B 122 -9.33 -7.78 28.49
C TYR B 122 -9.72 -6.50 29.21
N ILE B 123 -10.81 -5.89 28.72
CA ILE B 123 -11.21 -4.63 29.35
C ILE B 123 -11.67 -4.83 30.78
N ARG B 124 -12.43 -5.88 31.06
CA ARG B 124 -12.94 -6.11 32.40
C ARG B 124 -11.81 -6.44 33.37
N ALA B 125 -10.91 -7.33 32.97
CA ALA B 125 -9.74 -7.65 33.78
C ALA B 125 -8.85 -6.43 33.98
N ALA B 126 -8.89 -5.55 32.98
CA ALA B 126 -8.12 -4.33 32.99
C ALA B 126 -8.69 -3.36 34.02
N LEU B 127 -9.97 -3.07 33.82
CA LEU B 127 -10.61 -2.06 34.67
C LEU B 127 -10.79 -2.62 36.08
N SER B 128 -10.90 -3.93 36.22
CA SER B 128 -11.07 -4.63 37.48
C SER B 128 -9.91 -4.36 38.43
N VAL B 129 -8.78 -3.98 37.84
CA VAL B 129 -7.61 -3.57 38.60
C VAL B 129 -7.86 -2.16 39.12
N PRO B 130 -7.47 -1.89 40.37
CA PRO B 130 -7.61 -0.55 40.94
C PRO B 130 -7.17 0.56 39.98
N GLN B 131 -5.97 0.44 39.42
CA GLN B 131 -5.47 1.43 38.46
C GLN B 131 -6.05 1.21 37.07
N GLY B 132 -6.98 0.27 36.95
CA GLY B 132 -7.61 -0.02 35.69
C GLY B 132 -8.18 1.23 35.02
N ARG B 133 -7.59 1.63 33.91
CA ARG B 133 -7.96 2.75 33.05
C ARG B 133 -7.61 2.42 31.59
N VAL B 134 -8.59 2.08 30.78
CA VAL B 134 -8.38 1.54 29.45
C VAL B 134 -8.66 2.53 28.33
N LEU B 135 -7.72 2.62 27.40
CA LEU B 135 -7.97 3.35 26.17
C LEU B 135 -8.01 2.35 25.01
N VAL B 136 -9.10 2.41 24.27
CA VAL B 136 -9.32 1.54 23.13
C VAL B 136 -9.36 2.45 21.90
N HIS B 137 -8.42 2.23 20.97
CA HIS B 137 -8.46 3.17 19.85
C HIS B 137 -8.35 2.48 18.51
N CYS B 138 -8.81 3.22 17.52
CA CYS B 138 -8.62 2.92 16.12
C CYS B 138 -8.01 4.17 15.48
N ALA B 139 -8.38 4.56 14.26
CA ALA B 139 -7.67 5.74 13.73
C ALA B 139 -8.44 7.01 14.05
N MET B 140 -9.76 7.02 13.97
CA MET B 140 -10.49 8.23 14.35
C MET B 140 -11.31 8.08 15.64
N GLY B 141 -11.35 6.86 16.17
CA GLY B 141 -11.99 6.49 17.40
C GLY B 141 -13.50 6.53 17.41
N VAL B 142 -14.15 6.21 16.30
CA VAL B 142 -15.61 6.32 16.23
C VAL B 142 -16.31 5.10 15.65
N SER B 143 -15.61 4.17 15.02
CA SER B 143 -16.27 3.00 14.45
C SER B 143 -15.67 1.70 14.97
N ARG B 144 -14.46 1.36 14.60
CA ARG B 144 -13.84 0.12 15.01
C ARG B 144 -13.81 -0.07 16.52
N SER B 145 -13.28 0.94 17.20
CA SER B 145 -13.02 0.83 18.62
C SER B 145 -14.30 0.99 19.45
N ALA B 146 -15.15 1.91 19.05
CA ALA B 146 -16.47 2.19 19.58
C ALA B 146 -17.28 0.91 19.79
N THR B 147 -17.35 0.16 18.70
CA THR B 147 -17.91 -1.15 18.57
C THR B 147 -17.40 -2.10 19.65
N LEU B 148 -16.09 -2.15 19.78
CA LEU B 148 -15.45 -3.00 20.77
C LEU B 148 -15.91 -2.58 22.17
N VAL B 149 -16.09 -1.28 22.34
CA VAL B 149 -16.48 -0.74 23.63
C VAL B 149 -17.95 -1.06 23.91
N LEU B 150 -18.78 -0.82 22.90
CA LEU B 150 -20.17 -1.23 22.94
C LEU B 150 -20.29 -2.69 23.37
N ALA B 151 -19.66 -3.56 22.59
CA ALA B 151 -19.61 -4.99 22.90
C ALA B 151 -19.20 -5.27 24.34
N PHE B 152 -18.21 -4.51 24.82
CA PHE B 152 -17.76 -4.65 26.19
C PHE B 152 -18.91 -4.40 27.17
N LEU B 153 -19.66 -3.36 26.83
CA LEU B 153 -20.71 -2.88 27.71
C LEU B 153 -21.89 -3.84 27.75
N MET B 154 -22.25 -4.32 26.57
CA MET B 154 -23.32 -5.28 26.37
C MET B 154 -23.06 -6.57 27.12
N ILE B 155 -21.83 -7.04 27.02
CA ILE B 155 -21.43 -8.32 27.55
C ILE B 155 -21.22 -8.31 29.05
N TYR B 156 -20.53 -7.30 29.58
CA TYR B 156 -20.19 -7.30 31.00
C TYR B 156 -20.82 -6.14 31.76
N GLU B 157 -21.53 -5.24 31.10
CA GLU B 157 -22.11 -4.15 31.88
C GLU B 157 -23.63 -4.24 31.89
N ASN B 158 -24.08 -5.41 31.46
CA ASN B 158 -25.49 -5.76 31.52
C ASN B 158 -26.35 -4.87 30.64
N MET B 159 -25.76 -4.19 29.65
CA MET B 159 -26.56 -3.38 28.75
C MET B 159 -26.93 -4.11 27.46
N THR B 160 -27.88 -3.48 26.80
CA THR B 160 -28.30 -3.77 25.45
C THR B 160 -27.62 -2.81 24.48
N LEU B 161 -27.80 -3.06 23.20
CA LEU B 161 -27.16 -2.28 22.15
C LEU B 161 -27.48 -0.79 22.24
N VAL B 162 -28.76 -0.52 22.41
CA VAL B 162 -29.28 0.84 22.42
C VAL B 162 -28.72 1.59 23.63
N GLU B 163 -28.66 0.88 24.75
CA GLU B 163 -28.14 1.36 26.01
C GLU B 163 -26.66 1.72 25.88
N ALA B 164 -25.96 0.80 25.23
CA ALA B 164 -24.55 0.95 24.93
C ALA B 164 -24.30 2.21 24.12
N ILE B 165 -24.99 2.29 22.99
CA ILE B 165 -24.81 3.41 22.07
C ILE B 165 -25.01 4.74 22.76
N GLN B 166 -26.10 4.87 23.50
CA GLN B 166 -26.50 6.17 24.05
C GLN B 166 -25.62 6.54 25.23
N THR B 167 -25.22 5.52 25.99
CA THR B 167 -24.24 5.70 27.05
C THR B 167 -23.02 6.44 26.49
N VAL B 168 -22.43 5.78 25.50
CA VAL B 168 -21.18 6.16 24.89
C VAL B 168 -21.32 7.43 24.07
N GLN B 169 -22.35 7.49 23.23
CA GLN B 169 -22.55 8.55 22.25
C GLN B 169 -22.83 9.91 22.85
N ALA B 170 -22.83 10.01 24.17
CA ALA B 170 -23.14 11.25 24.86
C ALA B 170 -21.87 11.97 25.26
N HIS B 171 -20.74 11.27 25.18
CA HIS B 171 -19.43 11.87 25.43
C HIS B 171 -18.48 11.69 24.25
N ARG B 172 -19.01 11.32 23.10
CA ARG B 172 -18.20 11.13 21.90
C ARG B 172 -19.07 10.66 20.74
N ASN B 173 -19.02 11.43 19.65
CA ASN B 173 -19.71 10.99 18.44
C ASN B 173 -19.21 9.60 18.08
N ILE B 174 -20.14 8.70 17.79
CA ILE B 174 -19.68 7.35 17.47
C ILE B 174 -20.50 6.87 16.29
N CYS B 175 -19.92 5.98 15.49
CA CYS B 175 -20.77 5.47 14.41
C CYS B 175 -20.14 4.26 13.74
N PRO B 176 -20.32 3.10 14.38
CA PRO B 176 -19.77 1.86 13.81
C PRO B 176 -20.28 1.68 12.39
N ASN B 177 -19.54 0.97 11.54
CA ASN B 177 -20.11 0.81 10.20
C ASN B 177 -21.29 -0.16 10.25
N SER B 178 -22.16 0.00 9.27
CA SER B 178 -23.45 -0.66 9.16
C SER B 178 -23.35 -2.15 9.48
N GLY B 179 -22.25 -2.74 9.03
CA GLY B 179 -22.01 -4.15 9.24
C GLY B 179 -21.47 -4.40 10.63
N PHE B 180 -20.77 -3.41 11.18
CA PHE B 180 -20.30 -3.51 12.56
C PHE B 180 -21.49 -3.50 13.52
N LEU B 181 -22.55 -2.84 13.06
CA LEU B 181 -23.80 -2.84 13.81
C LEU B 181 -24.45 -4.21 13.82
N ARG B 182 -24.74 -4.75 12.65
CA ARG B 182 -25.41 -6.04 12.48
C ARG B 182 -24.69 -7.15 13.25
N GLN B 183 -23.39 -6.98 13.44
CA GLN B 183 -22.53 -7.86 14.22
C GLN B 183 -22.84 -7.73 15.71
N LEU B 184 -23.24 -6.51 16.02
CA LEU B 184 -23.57 -6.06 17.35
C LEU B 184 -24.99 -6.52 17.70
N GLN B 185 -25.87 -6.40 16.74
CA GLN B 185 -27.23 -6.91 16.80
C GLN B 185 -27.23 -8.41 17.11
N VAL B 186 -26.32 -9.07 16.42
CA VAL B 186 -26.08 -10.49 16.56
C VAL B 186 -25.68 -10.86 17.98
N LEU B 187 -24.93 -9.97 18.62
CA LEU B 187 -24.47 -10.26 19.98
C LEU B 187 -25.58 -9.88 20.94
N ASP B 188 -26.15 -8.71 20.67
CA ASP B 188 -27.28 -8.14 21.38
C ASP B 188 -28.35 -9.20 21.63
N ASN B 189 -28.55 -9.95 20.57
CA ASN B 189 -29.61 -10.92 20.41
C ASN B 189 -29.15 -12.26 20.94
N ARG B 190 -27.94 -12.65 20.54
CA ARG B 190 -27.37 -13.85 21.14
C ARG B 190 -27.34 -13.77 22.66
N LEU B 191 -27.15 -12.55 23.16
CA LEU B 191 -27.21 -12.37 24.60
C LEU B 191 -28.63 -11.99 25.02
N GLY B 192 -29.54 -12.25 24.09
CA GLY B 192 -30.96 -12.12 24.40
C GLY B 192 -31.36 -13.22 25.38
N GLN C 24 15.42 16.90 -2.12
CA GLN C 24 14.93 16.21 -0.92
C GLN C 24 13.42 16.02 -0.94
N PRO C 25 12.95 15.10 -1.77
CA PRO C 25 11.53 14.72 -1.75
C PRO C 25 11.23 13.96 -0.46
N PRO C 26 10.13 14.27 0.21
CA PRO C 26 9.90 13.72 1.55
C PRO C 26 9.53 12.24 1.53
N THR C 27 9.92 11.60 2.62
CA THR C 27 9.65 10.20 2.86
C THR C 27 8.25 10.03 3.48
N LEU C 28 7.69 8.85 3.33
CA LEU C 28 6.35 8.57 3.83
C LEU C 28 6.21 8.98 5.30
N ALA C 29 7.13 8.45 6.09
CA ALA C 29 7.31 8.78 7.49
C ALA C 29 7.37 10.28 7.71
N SER C 30 8.12 10.98 6.85
CA SER C 30 8.23 12.43 7.04
C SER C 30 6.86 13.07 6.82
N LEU C 31 6.13 12.54 5.83
CA LEU C 31 4.80 13.00 5.50
C LEU C 31 3.85 12.88 6.71
N GLN C 32 4.08 11.80 7.45
CA GLN C 32 3.26 11.44 8.59
C GLN C 32 3.49 12.38 9.76
N ARG C 33 4.75 12.63 10.09
CA ARG C 33 5.12 13.55 11.18
C ARG C 33 4.38 14.87 11.00
N LEU C 34 4.45 15.40 9.79
CA LEU C 34 3.75 16.61 9.36
C LEU C 34 2.24 16.49 9.63
N LEU C 35 1.69 15.31 9.33
CA LEU C 35 0.28 15.02 9.57
C LEU C 35 -0.04 14.86 11.05
N TRP C 36 0.73 14.02 11.73
CA TRP C 36 0.41 13.56 13.07
C TRP C 36 0.81 14.57 14.13
N VAL C 37 2.09 14.91 14.14
CA VAL C 37 2.71 15.72 15.18
C VAL C 37 1.87 16.95 15.50
N ARG C 38 1.38 17.61 14.46
CA ARG C 38 0.67 18.88 14.58
C ARG C 38 -0.80 18.73 14.25
N GLN C 39 -1.65 18.82 15.29
CA GLN C 39 -3.08 18.78 15.05
C GLN C 39 -3.85 19.72 15.96
N ALA C 40 -4.98 20.18 15.42
CA ALA C 40 -5.97 20.87 16.23
C ALA C 40 -6.57 19.87 17.23
N ALA C 41 -7.29 20.42 18.20
CA ALA C 41 -7.82 19.62 19.30
C ALA C 41 -9.09 18.90 18.88
N THR C 42 -9.92 19.61 18.13
CA THR C 42 -11.20 19.06 17.69
C THR C 42 -11.34 19.08 16.17
N LEU C 43 -12.44 18.51 15.74
CA LEU C 43 -12.79 18.37 14.33
C LEU C 43 -14.27 18.68 14.12
N ASN C 44 -14.54 19.49 13.11
CA ASN C 44 -15.87 19.74 12.62
C ASN C 44 -16.28 18.61 11.66
N HIS C 45 -17.58 18.57 11.43
CA HIS C 45 -18.23 17.64 10.52
C HIS C 45 -17.96 18.07 9.09
N ILE C 46 -17.78 19.38 8.93
CA ILE C 46 -17.45 19.96 7.65
C ILE C 46 -16.49 21.13 7.82
N ASP C 47 -15.69 21.35 6.78
CA ASP C 47 -14.75 22.43 6.68
C ASP C 47 -14.44 22.80 5.23
N GLU C 48 -14.51 24.10 4.99
CA GLU C 48 -13.94 24.74 3.83
C GLU C 48 -12.42 24.71 3.96
N VAL C 49 -11.77 23.95 3.09
CA VAL C 49 -10.31 23.87 3.13
C VAL C 49 -9.65 24.56 1.94
N TRP C 50 -10.41 24.76 0.90
CA TRP C 50 -10.11 25.45 -0.33
C TRP C 50 -11.41 26.08 -0.81
N PRO C 51 -11.33 27.32 -1.27
CA PRO C 51 -12.48 28.12 -1.69
C PRO C 51 -13.57 27.33 -2.37
N SER C 52 -14.73 27.28 -1.71
CA SER C 52 -15.87 26.59 -2.29
C SER C 52 -15.62 25.10 -2.40
N LEU C 53 -14.62 24.62 -1.64
CA LEU C 53 -14.35 23.20 -1.59
C LEU C 53 -14.42 22.70 -0.14
N PHE C 54 -15.38 21.83 0.13
CA PHE C 54 -15.67 21.37 1.47
C PHE C 54 -15.45 19.86 1.65
N LEU C 55 -14.82 19.53 2.77
CA LEU C 55 -14.48 18.22 3.25
C LEU C 55 -15.37 17.90 4.44
N GLY C 56 -15.99 16.73 4.45
CA GLY C 56 -16.84 16.42 5.60
C GLY C 56 -16.94 14.94 5.90
N ASP C 57 -17.76 14.66 6.92
CA ASP C 57 -18.05 13.30 7.34
C ASP C 57 -19.44 12.89 6.86
N ALA C 58 -19.82 11.64 7.09
CA ALA C 58 -21.10 11.13 6.62
C ALA C 58 -22.28 11.86 7.26
N TYR C 59 -22.07 12.44 8.44
CA TYR C 59 -23.07 13.31 9.05
C TYR C 59 -23.30 14.54 8.19
N ALA C 60 -22.23 15.30 7.97
CA ALA C 60 -22.34 16.55 7.21
C ALA C 60 -23.04 16.31 5.88
N ALA C 61 -22.68 15.21 5.22
CA ALA C 61 -23.28 14.82 3.96
C ALA C 61 -24.80 14.74 4.00
N ARG C 62 -25.30 14.27 5.14
CA ARG C 62 -26.69 13.94 5.36
C ARG C 62 -27.46 15.14 5.93
N ASP C 63 -26.71 16.18 6.28
CA ASP C 63 -27.26 17.40 6.84
C ASP C 63 -27.72 18.35 5.76
N LYS C 64 -28.77 17.94 5.07
CA LYS C 64 -29.48 18.67 4.04
C LYS C 64 -29.54 20.16 4.37
N SER C 65 -29.85 20.46 5.63
CA SER C 65 -30.05 21.81 6.10
C SER C 65 -28.80 22.67 6.00
N LYS C 66 -27.65 22.13 6.42
CA LYS C 66 -26.46 22.97 6.27
C LYS C 66 -26.04 22.97 4.79
N LEU C 67 -26.16 21.82 4.15
CA LEU C 67 -25.93 21.65 2.73
C LEU C 67 -26.54 22.81 1.94
N ILE C 68 -27.81 23.05 2.27
CA ILE C 68 -28.54 24.16 1.68
C ILE C 68 -27.94 25.47 2.13
N GLN C 69 -27.71 25.56 3.43
CA GLN C 69 -27.11 26.72 4.07
C GLN C 69 -25.85 27.15 3.30
N LEU C 70 -24.89 26.23 3.23
CA LEU C 70 -23.56 26.52 2.73
C LEU C 70 -23.55 26.81 1.23
N GLY C 71 -24.69 26.56 0.59
CA GLY C 71 -24.82 26.77 -0.83
C GLY C 71 -24.06 25.71 -1.62
N ILE C 72 -24.03 24.50 -1.05
CA ILE C 72 -23.39 23.39 -1.74
C ILE C 72 -24.22 23.01 -2.96
N THR C 73 -23.54 22.80 -4.07
CA THR C 73 -24.12 22.45 -5.36
C THR C 73 -23.75 21.06 -5.85
N HIS C 74 -22.68 20.49 -5.30
CA HIS C 74 -22.07 19.26 -5.72
C HIS C 74 -21.65 18.42 -4.53
N VAL C 75 -21.91 17.12 -4.65
CA VAL C 75 -21.54 16.25 -3.53
C VAL C 75 -20.75 15.07 -4.09
N VAL C 76 -19.53 14.93 -3.55
CA VAL C 76 -18.75 13.74 -3.87
C VAL C 76 -18.71 12.82 -2.66
N ASN C 77 -19.47 11.73 -2.72
CA ASN C 77 -19.43 10.76 -1.64
C ASN C 77 -18.31 9.76 -1.90
N ALA C 78 -17.20 9.92 -1.17
CA ALA C 78 -16.10 8.99 -1.35
C ALA C 78 -16.29 7.74 -0.49
N ALA C 79 -17.36 7.72 0.30
CA ALA C 79 -17.74 6.61 1.15
C ALA C 79 -18.96 5.88 0.60
N ALA C 80 -19.10 5.88 -0.71
CA ALA C 80 -20.30 5.33 -1.32
C ALA C 80 -20.21 3.81 -1.31
N GLY C 81 -21.34 3.19 -1.60
CA GLY C 81 -21.52 1.75 -1.44
C GLY C 81 -22.66 1.50 -0.45
N LYS C 82 -23.50 0.54 -0.80
CA LYS C 82 -24.77 0.30 -0.11
C LYS C 82 -24.60 0.27 1.40
N PHE C 83 -23.56 -0.43 1.82
CA PHE C 83 -23.31 -0.73 3.23
C PHE C 83 -22.34 0.25 3.88
N GLN C 84 -22.07 1.36 3.21
CA GLN C 84 -21.22 2.39 3.80
C GLN C 84 -22.06 3.65 4.01
N VAL C 85 -21.73 4.77 3.38
CA VAL C 85 -22.58 5.96 3.41
C VAL C 85 -23.45 5.92 2.17
N ASP C 86 -24.57 5.23 2.29
CA ASP C 86 -25.52 5.04 1.20
C ASP C 86 -26.50 6.21 1.10
N THR C 87 -25.99 7.37 0.71
CA THR C 87 -26.80 8.57 0.54
C THR C 87 -27.44 8.57 -0.85
N GLY C 88 -26.65 8.41 -1.89
CA GLY C 88 -27.11 8.37 -3.26
C GLY C 88 -27.71 9.69 -3.72
N ALA C 89 -28.09 9.71 -5.00
CA ALA C 89 -28.77 10.86 -5.57
C ALA C 89 -30.16 11.00 -4.96
N LYS C 90 -30.70 9.86 -4.56
CA LYS C 90 -31.95 9.68 -3.85
C LYS C 90 -32.12 10.71 -2.73
N PHE C 91 -31.06 10.80 -1.93
CA PHE C 91 -31.05 11.62 -0.73
C PHE C 91 -31.10 13.09 -1.10
N TYR C 92 -30.55 13.42 -2.28
CA TYR C 92 -30.48 14.85 -2.61
C TYR C 92 -31.57 15.26 -3.58
N ARG C 93 -32.41 14.30 -3.94
CA ARG C 93 -33.56 14.56 -4.79
C ARG C 93 -34.34 15.79 -4.32
N GLY C 94 -34.81 16.60 -5.27
CA GLY C 94 -35.50 17.84 -4.98
C GLY C 94 -34.49 18.96 -4.77
N MET C 95 -33.46 18.64 -4.01
CA MET C 95 -32.35 19.52 -3.70
C MET C 95 -31.58 19.84 -4.99
N SER C 96 -31.20 21.11 -5.15
CA SER C 96 -30.54 21.49 -6.40
C SER C 96 -29.02 21.38 -6.28
N LEU C 97 -28.54 20.17 -6.55
CA LEU C 97 -27.14 19.82 -6.44
C LEU C 97 -26.86 18.49 -7.13
N GLU C 98 -25.63 18.35 -7.66
CA GLU C 98 -25.25 17.13 -8.36
C GLU C 98 -24.45 16.20 -7.44
N TYR C 99 -24.56 14.92 -7.74
CA TYR C 99 -24.02 13.85 -6.93
C TYR C 99 -22.99 13.00 -7.64
N TYR C 100 -21.93 12.67 -6.90
CA TYR C 100 -20.85 11.83 -7.37
C TYR C 100 -20.40 10.92 -6.22
N GLY C 101 -20.59 9.62 -6.37
CA GLY C 101 -20.23 8.70 -5.31
C GLY C 101 -19.18 7.67 -5.71
N ILE C 102 -18.15 7.51 -4.89
CA ILE C 102 -17.04 6.61 -5.14
C ILE C 102 -17.00 5.44 -4.16
N GLU C 103 -17.19 4.22 -4.62
CA GLU C 103 -17.15 3.09 -3.69
C GLU C 103 -15.72 2.82 -3.24
N ALA C 104 -15.21 3.74 -2.43
CA ALA C 104 -13.86 3.63 -1.91
C ALA C 104 -13.84 3.24 -0.43
N ASP C 105 -12.92 2.35 -0.13
CA ASP C 105 -12.69 1.82 1.21
C ASP C 105 -11.37 2.38 1.73
N ASP C 106 -11.36 2.80 2.99
CA ASP C 106 -10.17 3.41 3.54
C ASP C 106 -9.18 2.35 4.01
N ASN C 107 -8.64 1.62 3.05
CA ASN C 107 -7.60 0.64 3.34
C ASN C 107 -6.26 1.02 2.71
N PRO C 108 -5.14 0.84 3.40
CA PRO C 108 -3.85 1.28 2.85
C PRO C 108 -3.45 0.53 1.57
N PHE C 109 -4.15 -0.57 1.31
CA PHE C 109 -3.99 -1.29 0.06
C PHE C 109 -5.13 -1.02 -0.91
N PHE C 110 -6.00 -0.09 -0.60
CA PHE C 110 -7.03 0.27 -1.58
C PHE C 110 -6.48 1.30 -2.56
N ASP C 111 -6.67 1.08 -3.85
CA ASP C 111 -6.27 2.02 -4.88
C ASP C 111 -7.29 3.13 -5.11
N LEU C 112 -7.13 4.21 -4.37
CA LEU C 112 -7.92 5.41 -4.61
C LEU C 112 -7.41 6.19 -5.82
N SER C 113 -6.12 6.06 -6.08
CA SER C 113 -5.34 6.81 -7.07
C SER C 113 -5.97 6.78 -8.44
N VAL C 114 -6.80 5.78 -8.73
CA VAL C 114 -7.52 5.74 -9.99
C VAL C 114 -8.52 6.90 -10.08
N TYR C 115 -8.86 7.45 -8.92
CA TYR C 115 -9.90 8.45 -8.80
C TYR C 115 -9.33 9.87 -8.79
N PHE C 116 -8.05 9.92 -8.51
CA PHE C 116 -7.28 11.14 -8.31
C PHE C 116 -7.60 12.16 -9.39
N LEU C 117 -7.63 11.73 -10.63
CA LEU C 117 -7.98 12.66 -11.70
C LEU C 117 -9.46 12.63 -12.04
N PRO C 118 -10.09 11.48 -12.25
CA PRO C 118 -11.54 11.42 -12.51
C PRO C 118 -12.35 12.24 -11.52
N VAL C 119 -11.89 12.30 -10.27
CA VAL C 119 -12.60 13.18 -9.34
C VAL C 119 -11.99 14.56 -9.46
N ALA C 120 -10.69 14.65 -9.73
CA ALA C 120 -10.05 15.97 -9.77
C ALA C 120 -10.62 16.77 -10.92
N ARG C 121 -10.76 16.12 -12.08
CA ARG C 121 -11.48 16.72 -13.19
C ARG C 121 -12.82 17.28 -12.71
N TYR C 122 -13.58 16.40 -12.06
CA TYR C 122 -14.93 16.68 -11.60
C TYR C 122 -14.99 17.94 -10.75
N ILE C 123 -14.16 17.97 -9.71
CA ILE C 123 -14.20 19.07 -8.74
C ILE C 123 -13.97 20.41 -9.39
N ARG C 124 -13.09 20.44 -10.37
CA ARG C 124 -12.75 21.64 -11.13
C ARG C 124 -13.89 22.10 -12.01
N ALA C 125 -14.67 21.16 -12.52
CA ALA C 125 -15.81 21.41 -13.39
C ALA C 125 -16.97 22.02 -12.61
N ALA C 126 -17.22 21.48 -11.43
CA ALA C 126 -18.21 22.00 -10.52
C ALA C 126 -17.78 23.36 -10.02
N LEU C 127 -16.52 23.41 -9.56
CA LEU C 127 -16.03 24.68 -9.03
C LEU C 127 -15.96 25.73 -10.13
N SER C 128 -15.80 25.30 -11.37
CA SER C 128 -15.77 26.23 -12.51
C SER C 128 -17.19 26.72 -12.81
N VAL C 129 -18.19 25.95 -12.40
CA VAL C 129 -19.57 26.40 -12.31
C VAL C 129 -19.62 27.60 -11.38
N PRO C 130 -20.37 28.63 -11.75
CA PRO C 130 -20.29 29.91 -11.05
C PRO C 130 -20.50 29.76 -9.53
N GLN C 131 -21.70 29.32 -9.16
CA GLN C 131 -22.06 29.20 -7.75
C GLN C 131 -21.59 27.89 -7.15
N GLY C 132 -20.84 27.12 -7.94
CA GLY C 132 -20.27 25.85 -7.54
C GLY C 132 -19.68 25.87 -6.13
N ARG C 133 -20.34 25.22 -5.21
CA ARG C 133 -19.91 24.86 -3.87
C ARG C 133 -19.95 23.34 -3.73
N VAL C 134 -18.77 22.76 -3.62
CA VAL C 134 -18.55 21.32 -3.65
C VAL C 134 -18.22 20.77 -2.26
N LEU C 135 -18.88 19.65 -1.97
CA LEU C 135 -18.56 18.89 -0.78
C LEU C 135 -17.99 17.52 -1.16
N VAL C 136 -16.85 17.23 -0.55
CA VAL C 136 -16.23 15.92 -0.67
C VAL C 136 -16.14 15.35 0.73
N HIS C 137 -16.68 14.16 0.89
CA HIS C 137 -16.78 13.59 2.23
C HIS C 137 -16.61 12.09 2.18
N CYS C 138 -16.31 11.52 3.33
CA CYS C 138 -16.30 10.05 3.45
C CYS C 138 -17.05 9.74 4.75
N ALA C 139 -16.59 8.87 5.63
CA ALA C 139 -17.33 8.76 6.89
C ALA C 139 -16.86 9.83 7.87
N MET C 140 -15.56 10.11 7.88
CA MET C 140 -15.02 11.04 8.87
C MET C 140 -14.38 12.29 8.29
N GLY C 141 -14.24 12.35 6.97
CA GLY C 141 -13.73 13.51 6.30
C GLY C 141 -12.25 13.80 6.47
N VAL C 142 -11.42 12.82 6.75
CA VAL C 142 -10.00 13.09 7.00
C VAL C 142 -9.04 12.14 6.30
N SER C 143 -9.51 11.13 5.58
CA SER C 143 -8.58 10.26 4.87
C SER C 143 -8.91 10.16 3.39
N ARG C 144 -9.92 9.39 3.06
CA ARG C 144 -10.40 9.10 1.73
C ARG C 144 -10.72 10.36 0.93
N SER C 145 -11.42 11.28 1.59
CA SER C 145 -11.87 12.47 0.87
C SER C 145 -10.74 13.49 0.77
N ALA C 146 -9.96 13.58 1.83
CA ALA C 146 -8.83 14.50 1.91
C ALA C 146 -7.81 14.22 0.80
N THR C 147 -7.41 12.95 0.73
CA THR C 147 -6.52 12.42 -0.29
C THR C 147 -6.93 12.92 -1.68
N LEU C 148 -8.22 12.79 -1.93
CA LEU C 148 -8.88 13.18 -3.16
C LEU C 148 -8.84 14.69 -3.36
N VAL C 149 -8.81 15.43 -2.27
CA VAL C 149 -8.81 16.89 -2.33
C VAL C 149 -7.38 17.39 -2.47
N LEU C 150 -6.48 16.83 -1.68
CA LEU C 150 -5.06 17.14 -1.84
C LEU C 150 -4.67 16.89 -3.30
N ALA C 151 -4.94 15.68 -3.77
CA ALA C 151 -4.76 15.30 -5.16
C ALA C 151 -5.35 16.32 -6.12
N PHE C 152 -6.53 16.83 -5.79
CA PHE C 152 -7.17 17.87 -6.59
C PHE C 152 -6.25 19.09 -6.72
N LEU C 153 -5.67 19.43 -5.56
CA LEU C 153 -4.94 20.67 -5.42
C LEU C 153 -3.60 20.61 -6.16
N MET C 154 -2.96 19.47 -6.02
CA MET C 154 -1.69 19.14 -6.63
C MET C 154 -1.80 19.15 -8.15
N ILE C 155 -2.82 18.49 -8.65
CA ILE C 155 -3.13 18.32 -10.06
C ILE C 155 -3.54 19.61 -10.77
N TYR C 156 -4.43 20.37 -10.16
CA TYR C 156 -5.09 21.51 -10.76
C TYR C 156 -4.81 22.82 -10.03
N GLU C 157 -4.04 22.80 -8.95
CA GLU C 157 -3.77 24.05 -8.25
C GLU C 157 -2.28 24.29 -8.08
N ASN C 158 -1.48 23.60 -8.87
CA ASN C 158 -0.04 23.87 -8.84
C ASN C 158 0.58 23.70 -7.47
N MET C 159 -0.03 22.89 -6.58
CA MET C 159 0.70 22.59 -5.36
C MET C 159 1.46 21.27 -5.50
N THR C 160 2.37 21.13 -4.56
CA THR C 160 3.08 19.89 -4.31
C THR C 160 2.28 19.11 -3.28
N LEU C 161 2.80 17.99 -2.80
CA LEU C 161 2.10 17.19 -1.81
C LEU C 161 2.00 17.90 -0.47
N VAL C 162 3.15 18.30 0.04
CA VAL C 162 3.29 19.01 1.30
C VAL C 162 2.46 20.29 1.31
N GLU C 163 2.40 20.96 0.18
CA GLU C 163 1.69 22.19 -0.07
C GLU C 163 0.18 22.01 0.05
N ALA C 164 -0.29 20.92 -0.57
CA ALA C 164 -1.67 20.50 -0.44
C ALA C 164 -2.01 20.31 1.04
N ILE C 165 -1.19 19.46 1.66
CA ILE C 165 -1.30 19.15 3.07
C ILE C 165 -1.38 20.39 3.93
N GLN C 166 -0.46 21.33 3.71
CA GLN C 166 -0.47 22.53 4.57
C GLN C 166 -1.69 23.40 4.29
N THR C 167 -2.11 23.38 3.04
CA THR C 167 -3.32 24.10 2.64
C THR C 167 -4.52 23.53 3.39
N VAL C 168 -4.86 22.29 3.07
CA VAL C 168 -6.03 21.65 3.65
C VAL C 168 -5.97 21.62 5.17
N GLN C 169 -4.82 21.25 5.72
CA GLN C 169 -4.68 21.01 7.15
C GLN C 169 -4.65 22.29 7.98
N ALA C 170 -5.02 23.40 7.37
CA ALA C 170 -5.12 24.70 8.02
C ALA C 170 -6.56 24.96 8.45
N HIS C 171 -7.50 24.15 7.95
CA HIS C 171 -8.89 24.26 8.35
C HIS C 171 -9.46 22.95 8.88
N ARG C 172 -8.73 21.84 8.79
CA ARG C 172 -9.25 20.55 9.20
C ARG C 172 -8.15 19.53 9.40
N ASN C 173 -8.14 18.88 10.56
CA ASN C 173 -7.20 17.77 10.77
C ASN C 173 -7.43 16.76 9.64
N ILE C 174 -6.34 16.33 9.02
CA ILE C 174 -6.52 15.28 8.01
C ILE C 174 -5.53 14.17 8.31
N CYS C 175 -5.85 12.98 7.78
CA CYS C 175 -4.89 11.91 8.01
C CYS C 175 -5.17 10.71 7.12
N PRO C 176 -4.66 10.84 5.89
CA PRO C 176 -4.83 9.77 4.91
C PRO C 176 -4.11 8.53 5.37
N ASN C 177 -4.59 7.33 5.04
CA ASN C 177 -3.86 6.15 5.48
C ASN C 177 -2.55 6.04 4.71
N SER C 178 -1.67 5.16 5.15
CA SER C 178 -0.29 5.10 4.71
C SER C 178 -0.19 4.89 3.20
N GLY C 179 -1.07 4.06 2.68
CA GLY C 179 -1.13 3.75 1.27
C GLY C 179 -1.67 4.90 0.43
N PHE C 180 -2.52 5.70 1.03
CA PHE C 180 -3.12 6.88 0.39
C PHE C 180 -2.06 7.97 0.21
N LEU C 181 -1.19 8.08 1.20
CA LEU C 181 -0.01 8.91 1.18
C LEU C 181 0.94 8.53 0.03
N ARG C 182 1.38 7.28 0.07
CA ARG C 182 2.34 6.78 -0.90
C ARG C 182 1.81 6.93 -2.33
N GLN C 183 0.50 6.90 -2.46
CA GLN C 183 -0.26 7.05 -3.69
C GLN C 183 -0.15 8.47 -4.22
N LEU C 184 -0.10 9.38 -3.25
CA LEU C 184 0.02 10.82 -3.33
C LEU C 184 1.48 11.19 -3.61
N GLN C 185 2.37 10.40 -3.04
CA GLN C 185 3.80 10.47 -3.28
C GLN C 185 4.05 10.20 -4.76
N VAL C 186 3.51 9.09 -5.23
CA VAL C 186 3.72 8.68 -6.61
C VAL C 186 3.24 9.75 -7.57
N LEU C 187 2.07 10.30 -7.30
CA LEU C 187 1.48 11.31 -8.17
C LEU C 187 2.32 12.59 -8.10
N ASP C 188 2.76 12.91 -6.90
CA ASP C 188 3.64 14.03 -6.65
C ASP C 188 4.81 14.02 -7.63
N ASN C 189 5.29 12.81 -7.89
CA ASN C 189 6.36 12.47 -8.80
C ASN C 189 5.88 12.49 -10.24
N ARG C 190 4.71 11.92 -10.51
CA ARG C 190 4.32 11.92 -11.92
C ARG C 190 4.14 13.34 -12.43
N LEU C 191 3.78 14.23 -11.51
CA LEU C 191 3.47 15.60 -11.93
C LEU C 191 4.74 16.42 -12.17
N GLY C 192 5.84 16.00 -11.56
CA GLY C 192 7.01 16.85 -11.50
C GLY C 192 6.73 18.01 -10.55
N PRO D 25 -2.85 -20.61 9.09
CA PRO D 25 -3.38 -19.24 9.17
C PRO D 25 -2.27 -18.19 9.11
N PRO D 26 -1.41 -18.22 8.12
CA PRO D 26 -0.18 -17.41 8.17
C PRO D 26 -0.45 -15.91 8.17
N THR D 27 0.47 -15.20 8.82
CA THR D 27 0.57 -13.77 8.71
C THR D 27 1.56 -13.39 7.61
N LEU D 28 1.57 -12.11 7.27
CA LEU D 28 2.60 -11.52 6.43
C LEU D 28 3.99 -11.98 6.89
N ALA D 29 4.34 -11.58 8.09
CA ALA D 29 5.65 -11.78 8.70
C ALA D 29 6.19 -13.19 8.46
N SER D 30 5.32 -14.17 8.68
CA SER D 30 5.71 -15.55 8.54
C SER D 30 5.74 -15.95 7.06
N LEU D 31 4.96 -15.27 6.24
CA LEU D 31 4.96 -15.50 4.80
C LEU D 31 6.23 -14.93 4.17
N GLN D 32 6.67 -13.78 4.67
CA GLN D 32 7.91 -13.15 4.19
C GLN D 32 9.10 -14.03 4.56
N ARG D 33 9.19 -14.44 5.82
CA ARG D 33 10.20 -15.36 6.31
C ARG D 33 10.34 -16.54 5.37
N LEU D 34 9.20 -17.12 5.01
CA LEU D 34 9.11 -18.19 4.03
C LEU D 34 9.67 -17.78 2.66
N LEU D 35 9.40 -16.55 2.25
CA LEU D 35 9.86 -16.07 0.96
C LEU D 35 11.31 -15.60 0.99
N TRP D 36 11.69 -14.80 1.99
CA TRP D 36 13.03 -14.27 2.06
C TRP D 36 14.03 -15.31 2.55
N VAL D 37 13.76 -15.82 3.73
CA VAL D 37 14.73 -16.67 4.44
C VAL D 37 15.25 -17.79 3.55
N ARG D 38 14.34 -18.38 2.78
CA ARG D 38 14.66 -19.54 1.95
C ARG D 38 14.78 -19.18 0.48
N GLN D 39 16.02 -19.13 0.00
CA GLN D 39 16.26 -18.76 -1.39
C GLN D 39 17.58 -19.33 -1.90
N ALA D 40 17.52 -19.83 -3.13
CA ALA D 40 18.71 -20.32 -3.81
C ALA D 40 19.75 -19.21 -3.94
N ALA D 41 20.86 -19.55 -4.58
CA ALA D 41 21.99 -18.66 -4.77
C ALA D 41 21.73 -17.70 -5.93
N THR D 42 21.10 -18.25 -6.96
CA THR D 42 20.81 -17.56 -8.20
C THR D 42 19.39 -17.83 -8.69
N LEU D 43 19.06 -17.21 -9.81
CA LEU D 43 17.78 -17.31 -10.48
C LEU D 43 17.96 -17.35 -11.99
N ASN D 44 17.25 -18.26 -12.61
CA ASN D 44 17.22 -18.49 -14.05
C ASN D 44 16.26 -17.51 -14.73
N HIS D 45 16.08 -17.65 -16.04
CA HIS D 45 15.08 -16.85 -16.76
C HIS D 45 13.75 -17.59 -16.73
N ILE D 46 13.86 -18.92 -16.73
CA ILE D 46 12.68 -19.75 -16.74
C ILE D 46 12.88 -21.01 -15.90
N ASP D 47 11.80 -21.44 -15.29
CA ASP D 47 11.82 -22.56 -14.34
C ASP D 47 10.47 -23.29 -14.37
N GLU D 48 10.54 -24.60 -14.51
CA GLU D 48 9.36 -25.45 -14.36
C GLU D 48 9.11 -25.59 -12.86
N VAL D 49 8.09 -24.90 -12.40
CA VAL D 49 7.74 -24.78 -11.00
C VAL D 49 6.60 -25.73 -10.63
N TRP D 50 6.06 -26.34 -11.66
CA TRP D 50 4.93 -27.22 -11.73
C TRP D 50 4.93 -27.82 -13.14
N PRO D 51 4.65 -29.11 -13.24
CA PRO D 51 4.62 -29.82 -14.52
C PRO D 51 3.94 -29.03 -15.64
N SER D 52 4.71 -28.79 -16.69
CA SER D 52 4.27 -28.09 -17.89
C SER D 52 4.02 -26.62 -17.59
N LEU D 53 4.49 -26.19 -16.43
CA LEU D 53 4.12 -24.84 -15.99
C LEU D 53 5.36 -24.06 -15.57
N PHE D 54 5.65 -23.00 -16.33
CA PHE D 54 6.85 -22.22 -16.29
C PHE D 54 6.63 -20.78 -15.86
N LEU D 55 7.47 -20.32 -14.96
CA LEU D 55 7.55 -18.96 -14.48
C LEU D 55 8.82 -18.33 -15.06
N GLY D 56 8.70 -17.24 -15.79
CA GLY D 56 9.88 -16.66 -16.41
C GLY D 56 9.92 -15.15 -16.38
N ASP D 57 11.05 -14.60 -16.82
CA ASP D 57 11.25 -13.16 -16.89
C ASP D 57 11.06 -12.68 -18.32
N ALA D 58 11.26 -11.39 -18.55
CA ALA D 58 11.11 -10.82 -19.88
C ALA D 58 12.14 -11.37 -20.86
N TYR D 59 13.34 -11.72 -20.39
CA TYR D 59 14.33 -12.36 -21.26
C TYR D 59 13.76 -13.66 -21.81
N ALA D 60 13.32 -14.50 -20.88
CA ALA D 60 12.66 -15.76 -21.21
C ALA D 60 11.60 -15.55 -22.29
N ALA D 61 10.83 -14.48 -22.16
CA ALA D 61 9.74 -14.13 -23.06
C ALA D 61 10.22 -13.82 -24.48
N ARG D 62 11.30 -13.06 -24.57
CA ARG D 62 11.84 -12.59 -25.84
C ARG D 62 12.83 -13.58 -26.43
N ASP D 63 12.99 -14.69 -25.71
CA ASP D 63 13.83 -15.78 -26.14
C ASP D 63 13.06 -16.82 -26.96
N LYS D 64 12.70 -16.43 -28.17
CA LYS D 64 11.93 -17.23 -29.10
C LYS D 64 12.46 -18.64 -29.30
N SER D 65 13.77 -18.80 -29.17
CA SER D 65 14.40 -20.09 -29.35
C SER D 65 14.14 -21.03 -28.17
N LYS D 66 14.27 -20.55 -26.93
CA LYS D 66 14.05 -21.43 -25.79
C LYS D 66 12.60 -21.91 -25.72
N LEU D 67 11.69 -20.99 -25.98
CA LEU D 67 10.25 -21.24 -25.90
C LEU D 67 9.90 -22.49 -26.69
N ILE D 68 10.36 -22.48 -27.93
CA ILE D 68 10.20 -23.58 -28.87
C ILE D 68 10.82 -24.85 -28.33
N GLN D 69 12.05 -24.69 -27.85
CA GLN D 69 12.78 -25.76 -27.19
C GLN D 69 11.89 -26.45 -26.15
N LEU D 70 11.43 -25.62 -25.21
CA LEU D 70 10.59 -26.06 -24.10
C LEU D 70 9.20 -26.47 -24.59
N GLY D 71 8.79 -25.97 -25.75
CA GLY D 71 7.52 -26.40 -26.32
C GLY D 71 6.37 -25.55 -25.85
N ILE D 72 6.66 -24.29 -25.50
CA ILE D 72 5.58 -23.41 -25.05
C ILE D 72 4.49 -23.30 -26.12
N THR D 73 3.26 -23.38 -25.65
CA THR D 73 2.02 -23.34 -26.38
C THR D 73 1.18 -22.11 -26.06
N HIS D 74 1.48 -21.44 -24.96
CA HIS D 74 0.73 -20.36 -24.38
C HIS D 74 1.64 -19.44 -23.60
N VAL D 75 1.56 -18.14 -23.86
CA VAL D 75 2.34 -17.25 -23.00
C VAL D 75 1.36 -16.31 -22.30
N VAL D 76 1.49 -16.22 -20.98
CA VAL D 76 0.67 -15.26 -20.24
C VAL D 76 1.55 -14.10 -19.79
N ASN D 77 1.43 -12.97 -20.49
CA ASN D 77 2.25 -11.81 -20.18
C ASN D 77 1.57 -10.96 -19.11
N ALA D 78 2.13 -11.03 -17.90
CA ALA D 78 1.56 -10.29 -16.78
C ALA D 78 2.19 -8.91 -16.67
N ALA D 79 3.09 -8.61 -17.60
CA ALA D 79 3.76 -7.33 -17.75
C ALA D 79 3.50 -6.80 -19.16
N ALA D 80 2.22 -6.86 -19.53
CA ALA D 80 1.79 -6.37 -20.82
C ALA D 80 1.69 -4.85 -20.77
N GLY D 81 1.56 -4.21 -21.93
CA GLY D 81 1.51 -2.77 -22.03
C GLY D 81 2.69 -2.23 -22.83
N LYS D 82 2.41 -1.40 -23.82
CA LYS D 82 3.39 -0.83 -24.73
C LYS D 82 4.66 -0.39 -24.02
N PHE D 83 4.52 0.24 -22.86
CA PHE D 83 5.71 0.71 -22.14
C PHE D 83 6.20 -0.31 -21.13
N GLN D 84 5.59 -1.47 -21.15
CA GLN D 84 6.09 -2.61 -20.37
C GLN D 84 6.49 -3.72 -21.33
N VAL D 85 6.59 -4.96 -20.89
CA VAL D 85 7.10 -6.03 -21.76
C VAL D 85 6.11 -6.28 -22.88
N ASP D 86 6.34 -5.49 -23.94
CA ASP D 86 5.38 -5.40 -25.02
C ASP D 86 5.65 -6.41 -26.13
N THR D 87 5.40 -7.69 -25.80
CA THR D 87 5.63 -8.75 -26.77
C THR D 87 4.38 -8.92 -27.64
N GLY D 88 3.22 -9.17 -27.06
CA GLY D 88 1.99 -9.28 -27.84
C GLY D 88 2.00 -10.43 -28.82
N ALA D 89 0.86 -10.64 -29.46
CA ALA D 89 0.68 -11.70 -30.44
C ALA D 89 1.61 -11.51 -31.63
N LYS D 90 1.91 -10.24 -31.86
CA LYS D 90 2.68 -9.75 -32.98
C LYS D 90 4.13 -10.19 -32.86
N PHE D 91 4.69 -10.10 -31.65
CA PHE D 91 6.05 -10.58 -31.42
C PHE D 91 6.11 -12.09 -31.56
N TYR D 92 5.12 -12.83 -31.03
CA TYR D 92 5.24 -14.29 -31.08
C TYR D 92 4.75 -14.86 -32.41
N ARG D 93 4.40 -13.97 -33.30
CA ARG D 93 3.98 -14.24 -34.66
C ARG D 93 4.80 -15.34 -35.31
N GLY D 94 4.14 -16.19 -36.09
CA GLY D 94 4.77 -17.32 -36.73
C GLY D 94 4.83 -18.51 -35.79
N MET D 95 4.99 -18.22 -34.50
CA MET D 95 5.03 -19.26 -33.47
C MET D 95 3.61 -19.75 -33.21
N SER D 96 3.50 -21.06 -33.15
CA SER D 96 2.21 -21.75 -33.04
C SER D 96 1.90 -22.05 -31.59
N LEU D 97 1.21 -21.10 -30.98
CA LEU D 97 1.02 -20.98 -29.54
C LEU D 97 0.10 -19.80 -29.24
N GLU D 98 -0.62 -19.86 -28.11
CA GLU D 98 -1.56 -18.81 -27.76
C GLU D 98 -0.98 -17.82 -26.76
N TYR D 99 -1.48 -16.60 -26.81
CA TYR D 99 -1.04 -15.46 -26.01
C TYR D 99 -2.14 -14.89 -25.11
N TYR D 100 -1.78 -14.53 -23.89
CA TYR D 100 -2.67 -13.88 -22.95
C TYR D 100 -1.92 -12.76 -22.23
N GLY D 101 -2.44 -11.55 -22.34
CA GLY D 101 -1.77 -10.40 -21.75
C GLY D 101 -2.53 -9.71 -20.64
N ILE D 102 -1.85 -9.47 -19.53
CA ILE D 102 -2.40 -8.77 -18.37
C ILE D 102 -1.58 -7.53 -18.07
N GLU D 103 -2.21 -6.36 -18.15
CA GLU D 103 -1.41 -5.16 -17.91
C GLU D 103 -1.41 -4.83 -16.42
N ALA D 104 -0.76 -5.67 -15.63
CA ALA D 104 -0.52 -5.45 -14.24
C ALA D 104 0.75 -4.62 -13.96
N ASP D 105 0.67 -3.89 -12.88
CA ASP D 105 1.73 -3.19 -12.21
C ASP D 105 2.31 -4.08 -11.10
N ASP D 106 3.61 -4.01 -10.90
CA ASP D 106 4.21 -4.65 -9.75
C ASP D 106 4.18 -3.66 -8.58
N ASN D 107 2.95 -3.27 -8.23
CA ASN D 107 2.71 -2.28 -7.19
C ASN D 107 1.77 -2.87 -6.13
N PRO D 108 1.93 -2.53 -4.85
CA PRO D 108 1.17 -3.20 -3.79
C PRO D 108 -0.34 -2.91 -3.79
N PHE D 109 -0.73 -1.89 -4.54
CA PHE D 109 -2.11 -1.44 -4.60
C PHE D 109 -2.76 -1.86 -5.91
N PHE D 110 -2.12 -2.76 -6.64
CA PHE D 110 -2.71 -3.21 -7.88
C PHE D 110 -3.58 -4.45 -7.67
N ASP D 111 -4.82 -4.42 -8.14
CA ASP D 111 -5.72 -5.55 -7.93
C ASP D 111 -5.49 -6.63 -8.98
N LEU D 112 -4.49 -7.44 -8.69
CA LEU D 112 -4.20 -8.60 -9.51
C LEU D 112 -5.22 -9.71 -9.29
N SER D 113 -5.74 -9.77 -8.07
CA SER D 113 -6.65 -10.81 -7.59
C SER D 113 -7.78 -11.07 -8.57
N VAL D 114 -8.20 -10.05 -9.28
CA VAL D 114 -9.26 -10.18 -10.29
C VAL D 114 -8.79 -11.08 -11.42
N TYR D 115 -7.47 -11.25 -11.56
CA TYR D 115 -6.93 -12.10 -12.61
C TYR D 115 -6.72 -13.53 -12.17
N PHE D 116 -6.65 -13.71 -10.86
CA PHE D 116 -6.51 -15.01 -10.21
C PHE D 116 -7.41 -16.05 -10.84
N LEU D 117 -8.71 -15.73 -10.93
CA LEU D 117 -9.64 -16.68 -11.54
C LEU D 117 -9.47 -16.77 -13.04
N PRO D 118 -9.50 -15.65 -13.78
CA PRO D 118 -9.34 -15.73 -15.24
C PRO D 118 -8.11 -16.50 -15.69
N VAL D 119 -6.98 -16.34 -14.99
CA VAL D 119 -5.77 -16.98 -15.50
C VAL D 119 -5.65 -18.44 -15.07
N ALA D 120 -6.16 -18.76 -13.88
CA ALA D 120 -6.04 -20.10 -13.33
C ALA D 120 -6.80 -21.12 -14.17
N ARG D 121 -7.97 -20.68 -14.65
CA ARG D 121 -8.71 -21.46 -15.63
C ARG D 121 -7.87 -21.59 -16.90
N TYR D 122 -7.51 -20.45 -17.46
CA TYR D 122 -6.71 -20.38 -18.67
C TYR D 122 -5.53 -21.35 -18.62
N ILE D 123 -4.84 -21.35 -17.48
CA ILE D 123 -3.80 -22.35 -17.29
C ILE D 123 -4.39 -23.73 -17.10
N ARG D 124 -5.47 -23.85 -16.32
CA ARG D 124 -6.04 -25.17 -16.12
C ARG D 124 -6.45 -25.80 -17.45
N ALA D 125 -7.04 -24.96 -18.29
CA ALA D 125 -7.54 -25.37 -19.59
C ALA D 125 -6.38 -25.61 -20.54
N ALA D 126 -5.47 -24.63 -20.58
CA ALA D 126 -4.25 -24.72 -21.34
C ALA D 126 -3.56 -26.07 -21.18
N LEU D 127 -3.53 -26.51 -19.93
CA LEU D 127 -2.76 -27.70 -19.61
C LEU D 127 -3.61 -28.94 -19.90
N SER D 128 -4.92 -28.79 -19.88
CA SER D 128 -5.87 -29.89 -20.06
C SER D 128 -5.69 -30.60 -21.42
N VAL D 129 -5.04 -29.91 -22.34
CA VAL D 129 -4.59 -30.51 -23.58
C VAL D 129 -3.35 -31.35 -23.30
N PRO D 130 -3.24 -32.54 -23.87
CA PRO D 130 -2.09 -33.43 -23.63
C PRO D 130 -0.75 -32.70 -23.66
N GLN D 131 -0.55 -31.91 -24.71
CA GLN D 131 0.69 -31.18 -24.91
C GLN D 131 0.73 -29.84 -24.18
N GLY D 132 -0.36 -29.48 -23.51
CA GLY D 132 -0.51 -28.23 -22.80
C GLY D 132 0.71 -27.84 -21.99
N ARG D 133 1.38 -26.78 -22.41
CA ARG D 133 2.60 -26.26 -21.82
C ARG D 133 2.60 -24.73 -21.86
N VAL D 134 2.50 -24.13 -20.68
CA VAL D 134 2.28 -22.71 -20.49
C VAL D 134 3.49 -22.00 -19.94
N LEU D 135 3.83 -20.82 -20.46
CA LEU D 135 4.76 -19.98 -19.70
C LEU D 135 3.99 -18.75 -19.18
N VAL D 136 4.23 -18.45 -17.92
CA VAL D 136 3.69 -17.26 -17.30
C VAL D 136 4.85 -16.37 -16.90
N HIS D 137 4.84 -15.14 -17.37
CA HIS D 137 5.99 -14.30 -17.06
C HIS D 137 5.57 -12.89 -16.72
N CYS D 138 6.48 -12.16 -16.09
CA CYS D 138 6.34 -10.72 -15.94
C CYS D 138 7.67 -10.09 -16.34
N ALA D 139 8.26 -9.21 -15.54
CA ALA D 139 9.57 -8.71 -15.95
C ALA D 139 10.66 -9.61 -15.36
N MET D 140 10.51 -10.00 -14.11
CA MET D 140 11.55 -10.82 -13.49
C MET D 140 11.11 -12.24 -13.21
N GLY D 141 9.82 -12.53 -13.36
CA GLY D 141 9.23 -13.81 -13.09
C GLY D 141 9.14 -14.19 -11.63
N VAL D 142 9.14 -13.24 -10.70
CA VAL D 142 9.16 -13.55 -9.29
C VAL D 142 8.05 -12.89 -8.49
N SER D 143 7.35 -11.90 -9.02
CA SER D 143 6.29 -11.26 -8.22
C SER D 143 4.92 -11.37 -8.90
N ARG D 144 4.74 -10.58 -9.93
CA ARG D 144 3.49 -10.51 -10.67
C ARG D 144 3.01 -11.85 -11.18
N SER D 145 3.91 -12.59 -11.78
CA SER D 145 3.52 -13.85 -12.43
C SER D 145 3.54 -15.00 -11.45
N ALA D 146 4.42 -14.89 -10.46
CA ALA D 146 4.52 -15.83 -9.36
C ALA D 146 3.16 -15.98 -8.68
N THR D 147 2.59 -14.83 -8.40
CA THR D 147 1.30 -14.69 -7.74
C THR D 147 0.21 -15.38 -8.53
N LEU D 148 0.18 -15.12 -9.83
CA LEU D 148 -0.81 -15.78 -10.69
C LEU D 148 -0.66 -17.30 -10.64
N VAL D 149 0.59 -17.71 -10.49
CA VAL D 149 0.91 -19.14 -10.55
C VAL D 149 0.54 -19.76 -9.22
N LEU D 150 0.81 -19.01 -8.14
CA LEU D 150 0.41 -19.51 -6.83
C LEU D 150 -1.10 -19.74 -6.85
N ALA D 151 -1.88 -18.69 -7.04
CA ALA D 151 -3.33 -18.77 -7.09
C ALA D 151 -3.84 -19.94 -7.95
N PHE D 152 -3.17 -20.20 -9.07
CA PHE D 152 -3.60 -21.29 -9.94
C PHE D 152 -3.66 -22.62 -9.16
N LEU D 153 -2.60 -22.80 -8.37
CA LEU D 153 -2.38 -24.04 -7.65
C LEU D 153 -3.29 -24.16 -6.43
N MET D 154 -3.49 -23.04 -5.74
CA MET D 154 -4.42 -22.95 -4.60
C MET D 154 -5.80 -23.39 -5.08
N ILE D 155 -6.26 -22.72 -6.13
CA ILE D 155 -7.53 -22.96 -6.76
C ILE D 155 -7.67 -24.33 -7.41
N TYR D 156 -6.67 -24.81 -8.14
CA TYR D 156 -6.86 -26.06 -8.87
C TYR D 156 -5.97 -27.20 -8.40
N GLU D 157 -5.09 -26.94 -7.44
CA GLU D 157 -4.22 -28.03 -7.00
C GLU D 157 -4.40 -28.32 -5.51
N ASN D 158 -5.52 -27.86 -4.98
CA ASN D 158 -5.90 -28.05 -3.59
C ASN D 158 -4.76 -27.74 -2.63
N MET D 159 -4.02 -26.68 -2.95
CA MET D 159 -2.97 -26.26 -2.02
C MET D 159 -3.40 -24.95 -1.34
N THR D 160 -2.73 -24.73 -0.22
CA THR D 160 -2.85 -23.47 0.49
C THR D 160 -1.68 -22.57 0.07
N LEU D 161 -1.73 -21.33 0.50
CA LEU D 161 -0.71 -20.33 0.27
C LEU D 161 0.69 -20.79 0.66
N VAL D 162 0.80 -21.35 1.86
CA VAL D 162 2.09 -21.85 2.34
C VAL D 162 2.56 -23.03 1.51
N GLU D 163 1.63 -23.87 1.10
CA GLU D 163 1.89 -25.03 0.27
C GLU D 163 2.20 -24.62 -1.16
N ALA D 164 1.42 -23.68 -1.65
CA ALA D 164 1.66 -23.09 -2.96
C ALA D 164 3.11 -22.58 -3.04
N ILE D 165 3.44 -21.77 -2.05
CA ILE D 165 4.74 -21.09 -2.01
C ILE D 165 5.89 -22.08 -2.04
N GLN D 166 5.84 -23.09 -1.18
CA GLN D 166 6.93 -24.05 -1.11
C GLN D 166 7.10 -24.83 -2.38
N THR D 167 5.98 -25.08 -3.06
CA THR D 167 5.99 -25.76 -4.35
C THR D 167 6.87 -25.01 -5.35
N VAL D 168 6.45 -23.78 -5.66
CA VAL D 168 7.13 -22.96 -6.63
C VAL D 168 8.57 -22.65 -6.23
N GLN D 169 8.75 -22.31 -4.95
CA GLN D 169 10.03 -21.86 -4.43
C GLN D 169 11.02 -23.01 -4.27
N ALA D 170 10.63 -24.20 -4.70
CA ALA D 170 11.56 -25.32 -4.80
C ALA D 170 12.22 -25.33 -6.18
N HIS D 171 11.60 -24.59 -7.11
CA HIS D 171 12.08 -24.55 -8.48
C HIS D 171 12.38 -23.12 -8.95
N ARG D 172 12.08 -22.11 -8.15
CA ARG D 172 12.34 -20.73 -8.53
C ARG D 172 12.12 -19.79 -7.35
N ASN D 173 13.17 -19.07 -6.95
CA ASN D 173 12.97 -18.15 -5.82
C ASN D 173 11.93 -17.13 -6.22
N ILE D 174 10.86 -17.03 -5.43
CA ILE D 174 9.80 -16.11 -5.84
C ILE D 174 9.49 -15.18 -4.68
N CYS D 175 8.87 -14.04 -5.01
CA CYS D 175 8.66 -13.11 -3.90
C CYS D 175 7.63 -12.04 -4.24
N PRO D 176 6.38 -12.44 -4.19
CA PRO D 176 5.29 -11.50 -4.51
C PRO D 176 5.40 -10.27 -3.62
N ASN D 177 4.83 -9.14 -4.05
CA ASN D 177 4.93 -8.00 -3.13
C ASN D 177 3.81 -8.10 -2.10
N SER D 178 3.93 -7.33 -1.03
CA SER D 178 3.11 -7.34 0.16
C SER D 178 1.61 -7.31 -0.13
N GLY D 179 1.22 -6.55 -1.14
CA GLY D 179 -0.15 -6.39 -1.56
C GLY D 179 -0.69 -7.63 -2.22
N PHE D 180 0.18 -8.25 -3.02
CA PHE D 180 -0.08 -9.42 -3.83
C PHE D 180 -0.21 -10.65 -2.94
N LEU D 181 0.54 -10.65 -1.86
CA LEU D 181 0.49 -11.61 -0.77
C LEU D 181 -0.79 -11.44 0.05
N ARG D 182 -0.99 -10.23 0.53
CA ARG D 182 -2.20 -9.74 1.16
C ARG D 182 -3.45 -10.10 0.37
N GLN D 183 -3.33 -10.10 -0.95
CA GLN D 183 -4.38 -10.39 -1.92
C GLN D 183 -4.68 -11.88 -1.94
N LEU D 184 -3.61 -12.62 -1.67
CA LEU D 184 -3.51 -14.05 -1.77
C LEU D 184 -4.05 -14.72 -0.50
N GLN D 185 -3.76 -14.09 0.62
CA GLN D 185 -4.27 -14.52 1.93
C GLN D 185 -5.79 -14.60 1.86
N VAL D 186 -6.36 -13.53 1.35
CA VAL D 186 -7.80 -13.43 1.17
C VAL D 186 -8.31 -14.62 0.38
N LEU D 187 -7.48 -15.03 -0.59
CA LEU D 187 -7.82 -16.17 -1.42
C LEU D 187 -7.64 -17.45 -0.61
N ASP D 188 -6.55 -17.43 0.16
CA ASP D 188 -6.22 -18.62 0.93
C ASP D 188 -7.36 -18.93 1.91
N ASN D 189 -7.93 -17.81 2.35
CA ASN D 189 -8.97 -17.75 3.35
C ASN D 189 -10.32 -18.18 2.79
N ARG D 190 -10.76 -17.63 1.66
CA ARG D 190 -12.07 -18.09 1.19
C ARG D 190 -11.97 -19.58 0.82
N LEU D 191 -10.86 -19.92 0.16
CA LEU D 191 -10.66 -21.29 -0.23
C LEU D 191 -10.48 -22.22 0.96
N GLY D 192 -10.24 -21.63 2.13
CA GLY D 192 -10.20 -22.46 3.33
C GLY D 192 -11.65 -22.91 3.57
N ARG D 193 -12.48 -21.88 3.58
CA ARG D 193 -13.92 -21.92 3.79
C ARG D 193 -14.68 -21.95 2.49
#